data_1JL8
#
_entry.id   1JL8
#
_cell.length_a   118.019
_cell.length_b   120.359
_cell.length_c   113.524
_cell.angle_alpha   90.00
_cell.angle_beta   90.00
_cell.angle_gamma   90.00
#
_symmetry.space_group_name_H-M   'P 21 21 21'
#
loop_
_entity.id
_entity.type
_entity.pdbx_description
1 polymer 'ALPHA-AMYLASE II'
2 branched Cycloheptakis-(1-4)-(alpha-D-glucopyranose)
#
_entity_poly.entity_id   1
_entity_poly.type   'polypeptide(L)'
_entity_poly.pdbx_seq_one_letter_code
;MLLEAIFHEAKGSYAYPISETQLRVRLRAKKGDVVRCEVLYADRYASPEEELAHALAGKAGSDERFDYFEALLECSTKRV
KYVFLLTGPQGEAVYFGETGFSAERSKAGVFQYAYIHRSEVFTTPEWAKEAVIYQIFPERFANGDPSNDPPGTEQWAKDA
RPRHDSFYGGDLKGVIDRLPYLEELGVTALYFTPIFASPSHHKYDTADYLAIDPQFGDLPTFRRLVDEAHRRGIKIILDA
VFNHAGDQFFAFRDVLQKGEQSRYKDWFFIEDFPVSKTSRTNYETFAVQVPAMPKLRTENPEVKEYLFDVARFWMEQGID
GWRLNVANEVDHAFWREFRRLVKSLNPDALIVGEIWHDASGWLMGDQFDSVMNYLFRESVIRFFATGEIHAERFDAELTR
ARMLYPEQAAQGLWNLLDSHDTERFLTSCGGNEAKFRLAVLFQMTYLGTPLIYYGDEIGMAGATDPDCRRPMIWEEKEQN
RGLFEFYKELIRLRHRLASLTRGNVRSWHADKQANLYAFVRTVQDQHVGVVLNNRGEKQTVLLQVPESGGKTWLDCLTGE
EVHGKQGQLKLTLRPYQGMILWNGR
;
_entity_poly.pdbx_strand_id   A,B
#
# COMPACT_ATOMS: atom_id res chain seq x y z
N MET A 1 10.57 7.68 -27.26
CA MET A 1 10.14 7.85 -25.85
C MET A 1 9.86 6.46 -25.32
N LEU A 2 10.69 5.95 -24.41
CA LEU A 2 10.50 4.58 -23.87
C LEU A 2 9.33 4.48 -22.90
N LEU A 3 8.21 4.00 -23.43
CA LEU A 3 6.99 3.86 -22.66
C LEU A 3 7.10 2.86 -21.53
N GLU A 4 8.01 1.90 -21.66
CA GLU A 4 8.18 0.90 -20.62
C GLU A 4 8.87 1.46 -19.38
N ALA A 5 9.34 2.70 -19.45
CA ALA A 5 10.00 3.30 -18.30
C ALA A 5 9.14 4.30 -17.55
N ILE A 6 7.98 4.62 -18.11
CA ILE A 6 7.10 5.59 -17.45
C ILE A 6 6.27 4.87 -16.41
N PHE A 7 6.30 5.40 -15.19
CA PHE A 7 5.56 4.77 -14.11
C PHE A 7 4.71 5.74 -13.30
N HIS A 8 3.53 5.26 -12.91
CA HIS A 8 2.61 6.01 -12.08
C HIS A 8 1.51 5.12 -11.52
N GLU A 9 1.07 5.47 -10.31
CA GLU A 9 0.03 4.75 -9.57
C GLU A 9 -0.85 5.72 -8.82
N ALA A 10 -2.14 5.40 -8.70
CA ALA A 10 -3.04 6.27 -7.96
C ALA A 10 -3.01 5.90 -6.48
N LYS A 11 -1.81 5.83 -5.93
CA LYS A 11 -1.63 5.50 -4.52
C LYS A 11 -0.17 5.71 -4.13
N GLY A 12 0.15 5.37 -2.89
CA GLY A 12 1.53 5.49 -2.41
C GLY A 12 2.17 6.86 -2.48
N SER A 13 3.37 6.89 -3.06
CA SER A 13 4.11 8.13 -3.20
C SER A 13 3.91 8.82 -4.54
N TYR A 14 3.01 8.30 -5.37
CA TYR A 14 2.78 8.92 -6.67
C TYR A 14 1.45 9.64 -6.77
N ALA A 15 0.59 9.42 -5.79
CA ALA A 15 -0.70 10.09 -5.86
C ALA A 15 -1.16 10.12 -4.46
N TYR A 16 -1.09 11.29 -3.85
CA TYR A 16 -1.51 11.36 -2.47
C TYR A 16 -1.94 12.77 -2.14
N PRO A 17 -2.93 12.90 -1.26
CA PRO A 17 -3.53 14.15 -0.79
C PRO A 17 -2.65 14.94 0.12
N ILE A 18 -2.68 16.26 -0.03
CA ILE A 18 -1.89 17.12 0.84
C ILE A 18 -2.93 17.90 1.64
N SER A 19 -4.18 17.66 1.34
CA SER A 19 -5.29 18.30 2.00
C SER A 19 -6.54 17.61 1.49
N GLU A 20 -7.67 17.93 2.08
CA GLU A 20 -8.89 17.30 1.63
C GLU A 20 -9.27 17.77 0.23
N THR A 21 -8.57 18.77 -0.29
CA THR A 21 -8.95 19.26 -1.59
C THR A 21 -7.81 19.35 -2.57
N GLN A 22 -6.63 19.00 -2.12
CA GLN A 22 -5.47 19.08 -2.99
C GLN A 22 -4.78 17.72 -3.11
N LEU A 23 -4.58 17.29 -4.35
CA LEU A 23 -3.96 16.00 -4.59
C LEU A 23 -2.63 16.10 -5.33
N ARG A 24 -1.54 15.66 -4.69
CA ARG A 24 -0.27 15.70 -5.37
C ARG A 24 -0.14 14.46 -6.22
N VAL A 25 0.38 14.62 -7.42
CA VAL A 25 0.55 13.50 -8.34
C VAL A 25 1.99 13.49 -8.79
N ARG A 26 2.59 12.31 -8.81
CA ARG A 26 3.99 12.20 -9.17
C ARG A 26 4.10 11.25 -10.38
N LEU A 27 5.13 11.43 -11.20
CA LEU A 27 5.31 10.58 -12.37
C LEU A 27 6.77 10.33 -12.61
N ARG A 28 7.13 9.10 -12.99
CA ARG A 28 8.54 8.78 -13.21
C ARG A 28 8.79 8.37 -14.64
N ALA A 29 9.94 8.75 -15.19
CA ALA A 29 10.25 8.40 -16.56
C ALA A 29 11.74 8.40 -16.80
N LYS A 30 12.15 7.81 -17.93
CA LYS A 30 13.56 7.75 -18.30
C LYS A 30 14.17 9.16 -18.41
N LYS A 31 15.39 9.35 -17.90
CA LYS A 31 16.01 10.66 -17.95
C LYS A 31 16.18 11.17 -19.39
N GLY A 32 15.60 12.33 -19.67
CA GLY A 32 15.66 12.93 -20.99
C GLY A 32 14.63 12.44 -21.99
N ASP A 33 13.59 11.78 -21.51
CA ASP A 33 12.57 11.28 -22.41
C ASP A 33 11.43 12.25 -22.55
N VAL A 34 11.04 12.88 -21.45
CA VAL A 34 9.95 13.84 -21.46
C VAL A 34 10.44 15.26 -21.27
N VAL A 35 10.03 16.15 -22.16
CA VAL A 35 10.44 17.53 -22.03
C VAL A 35 9.42 18.32 -21.20
N ARG A 36 8.14 18.04 -21.44
CA ARG A 36 7.07 18.69 -20.69
C ARG A 36 6.01 17.65 -20.41
N CYS A 37 5.45 17.71 -19.21
CA CYS A 37 4.46 16.76 -18.76
C CYS A 37 3.26 17.50 -18.19
N GLU A 38 2.14 17.39 -18.87
CA GLU A 38 0.93 18.08 -18.44
C GLU A 38 -0.16 17.11 -18.00
N VAL A 39 -0.98 17.54 -17.06
CA VAL A 39 -2.06 16.72 -16.54
C VAL A 39 -3.44 17.36 -16.73
N LEU A 40 -4.35 16.61 -17.35
CA LEU A 40 -5.71 17.08 -17.59
C LEU A 40 -6.62 16.31 -16.63
N TYR A 41 -7.37 17.03 -15.80
CA TYR A 41 -8.21 16.38 -14.82
C TYR A 41 -9.56 17.04 -14.63
N ALA A 42 -10.42 16.37 -13.88
CA ALA A 42 -11.76 16.87 -13.62
C ALA A 42 -12.41 15.92 -12.61
N ASP A 43 -13.55 16.31 -12.05
CA ASP A 43 -14.26 15.48 -11.08
C ASP A 43 -14.56 14.12 -11.70
N ARG A 44 -14.65 13.09 -10.86
CA ARG A 44 -14.92 11.74 -11.36
C ARG A 44 -16.27 11.57 -12.02
N TYR A 45 -17.19 12.50 -11.78
CA TYR A 45 -18.52 12.40 -12.38
C TYR A 45 -18.84 13.45 -13.46
N ALA A 46 -17.86 14.29 -13.78
CA ALA A 46 -18.01 15.32 -14.80
C ALA A 46 -18.47 14.76 -16.14
N SER A 47 -19.26 15.54 -16.87
CA SER A 47 -19.75 15.09 -18.16
C SER A 47 -18.66 15.14 -19.22
N PRO A 48 -18.67 14.19 -20.16
CA PRO A 48 -17.67 14.10 -21.24
C PRO A 48 -17.55 15.36 -22.08
N GLU A 49 -18.56 16.21 -21.99
CA GLU A 49 -18.60 17.45 -22.75
C GLU A 49 -17.73 18.53 -22.09
N GLU A 50 -17.71 18.54 -20.75
CA GLU A 50 -16.93 19.51 -20.00
C GLU A 50 -15.47 19.56 -20.38
N GLU A 51 -14.91 20.76 -20.35
CA GLU A 51 -13.51 20.91 -20.68
C GLU A 51 -12.75 20.44 -19.43
N LEU A 52 -11.60 19.82 -19.65
CA LEU A 52 -10.82 19.32 -18.54
C LEU A 52 -9.92 20.42 -18.01
N ALA A 53 -9.45 20.22 -16.78
CA ALA A 53 -8.56 21.15 -16.11
C ALA A 53 -7.10 20.89 -16.52
N HIS A 54 -6.23 21.87 -16.33
CA HIS A 54 -4.82 21.67 -16.67
C HIS A 54 -3.92 21.88 -15.47
N ALA A 55 -2.87 21.07 -15.39
CA ALA A 55 -1.91 21.18 -14.31
C ALA A 55 -0.56 20.91 -14.91
N LEU A 56 0.34 21.86 -14.83
CA LEU A 56 1.66 21.65 -15.40
C LEU A 56 2.63 21.07 -14.36
N ALA A 57 3.08 19.83 -14.54
CA ALA A 57 3.99 19.22 -13.59
C ALA A 57 5.47 19.49 -13.86
N GLY A 58 6.07 20.41 -13.12
CA GLY A 58 7.47 20.72 -13.32
C GLY A 58 8.37 19.57 -12.93
N LYS A 59 9.56 19.50 -13.52
CA LYS A 59 10.49 18.42 -13.20
C LYS A 59 11.02 18.65 -11.79
N ALA A 60 10.66 17.77 -10.86
CA ALA A 60 11.10 17.93 -9.47
C ALA A 60 12.51 17.44 -9.19
N GLY A 61 13.09 16.72 -10.13
CA GLY A 61 14.44 16.25 -9.92
C GLY A 61 14.76 15.08 -10.81
N SER A 62 15.98 14.59 -10.69
CA SER A 62 16.38 13.44 -11.49
C SER A 62 17.51 12.70 -10.84
N ASP A 63 17.52 11.39 -11.03
CA ASP A 63 18.53 10.59 -10.42
C ASP A 63 19.37 9.82 -11.41
N GLU A 64 20.05 8.80 -10.90
CA GLU A 64 20.92 7.97 -11.70
C GLU A 64 20.33 7.61 -13.05
N ARG A 65 19.02 7.35 -13.11
CA ARG A 65 18.39 7.00 -14.39
C ARG A 65 17.04 7.59 -14.68
N PHE A 66 16.31 8.04 -13.66
CA PHE A 66 14.95 8.59 -13.87
C PHE A 66 14.73 10.09 -13.69
N ASP A 67 13.67 10.59 -14.31
CA ASP A 67 13.29 11.98 -14.15
C ASP A 67 12.03 11.99 -13.33
N TYR A 68 11.92 12.94 -12.43
CA TYR A 68 10.72 12.99 -11.62
C TYR A 68 9.91 14.27 -11.84
N PHE A 69 8.67 14.09 -12.26
CA PHE A 69 7.77 15.22 -12.50
C PHE A 69 6.77 15.22 -11.37
N GLU A 70 6.40 16.41 -10.93
CA GLU A 70 5.47 16.55 -9.82
C GLU A 70 4.38 17.58 -10.15
N ALA A 71 3.13 17.23 -9.87
CA ALA A 71 2.00 18.11 -10.16
C ALA A 71 1.14 18.26 -8.92
N LEU A 72 0.24 19.23 -8.96
CA LEU A 72 -0.63 19.50 -7.84
C LEU A 72 -2.03 19.75 -8.40
N LEU A 73 -2.90 18.78 -8.18
CA LEU A 73 -4.27 18.84 -8.66
C LEU A 73 -5.21 19.48 -7.63
N GLU A 74 -6.03 20.42 -8.10
CA GLU A 74 -7.00 21.11 -7.27
C GLU A 74 -8.30 20.33 -7.44
N CYS A 75 -8.83 19.76 -6.35
CA CYS A 75 -10.08 18.99 -6.44
C CYS A 75 -11.11 19.43 -5.41
N SER A 76 -11.99 20.33 -5.84
CA SER A 76 -13.02 20.86 -4.95
C SER A 76 -14.13 19.85 -4.62
N THR A 77 -14.35 18.87 -5.51
CA THR A 77 -15.36 17.83 -5.31
C THR A 77 -14.87 16.71 -4.39
N LYS A 78 -13.56 16.68 -4.17
CA LYS A 78 -12.89 15.70 -3.30
C LYS A 78 -12.79 14.35 -4.00
N ARG A 79 -13.07 14.39 -5.30
CA ARG A 79 -13.04 13.22 -6.16
C ARG A 79 -12.28 13.64 -7.42
N VAL A 80 -11.51 12.75 -8.02
CA VAL A 80 -10.78 13.20 -9.20
C VAL A 80 -10.33 12.10 -10.15
N LYS A 81 -10.42 12.36 -11.44
CA LYS A 81 -9.97 11.42 -12.45
C LYS A 81 -9.03 12.24 -13.35
N TYR A 82 -7.95 11.62 -13.86
CA TYR A 82 -7.01 12.37 -14.68
C TYR A 82 -6.18 11.54 -15.66
N VAL A 83 -5.54 12.24 -16.59
CA VAL A 83 -4.71 11.61 -17.60
C VAL A 83 -3.45 12.45 -17.79
N PHE A 84 -2.36 11.85 -18.23
CA PHE A 84 -1.12 12.59 -18.44
C PHE A 84 -0.87 12.90 -19.91
N LEU A 85 -0.30 14.06 -20.16
CA LEU A 85 0.04 14.43 -21.52
C LEU A 85 1.54 14.57 -21.46
N LEU A 86 2.22 13.68 -22.16
CA LEU A 86 3.66 13.68 -22.18
C LEU A 86 4.16 14.10 -23.54
N THR A 87 5.11 15.03 -23.53
CA THR A 87 5.71 15.54 -24.77
C THR A 87 7.18 15.17 -24.83
N GLY A 88 7.62 14.65 -25.98
CA GLY A 88 9.01 14.27 -26.11
C GLY A 88 9.89 15.33 -26.75
N PRO A 89 11.22 15.12 -26.78
CA PRO A 89 12.15 16.09 -27.38
C PRO A 89 11.78 16.43 -28.83
N GLN A 90 11.59 15.39 -29.64
CA GLN A 90 11.23 15.57 -31.05
C GLN A 90 9.79 16.03 -31.22
N GLY A 91 9.20 16.59 -30.17
CA GLY A 91 7.84 17.07 -30.30
C GLY A 91 6.69 16.06 -30.23
N GLU A 92 7.02 14.76 -30.19
CA GLU A 92 5.97 13.74 -30.11
C GLU A 92 5.29 13.71 -28.75
N ALA A 93 3.97 13.73 -28.75
CA ALA A 93 3.21 13.71 -27.51
C ALA A 93 2.36 12.45 -27.45
N VAL A 94 2.02 12.03 -26.24
CA VAL A 94 1.23 10.82 -26.04
C VAL A 94 0.46 10.94 -24.75
N TYR A 95 -0.72 10.33 -24.68
CA TYR A 95 -1.51 10.38 -23.47
C TYR A 95 -1.28 9.09 -22.65
N PHE A 96 -1.23 9.27 -21.35
CA PHE A 96 -0.98 8.17 -20.45
C PHE A 96 -2.10 8.09 -19.43
N GLY A 97 -2.81 6.96 -19.44
CA GLY A 97 -3.91 6.78 -18.51
C GLY A 97 -3.90 5.40 -17.88
N GLU A 98 -4.95 5.07 -17.15
CA GLU A 98 -5.00 3.77 -16.51
C GLU A 98 -5.00 2.68 -17.56
N THR A 99 -5.68 2.91 -18.68
CA THR A 99 -5.77 1.94 -19.75
C THR A 99 -4.43 1.70 -20.42
N GLY A 100 -3.62 2.77 -20.53
CA GLY A 100 -2.31 2.64 -21.15
C GLY A 100 -1.87 3.88 -21.91
N PHE A 101 -0.97 3.71 -22.87
CA PHE A 101 -0.49 4.82 -23.67
C PHE A 101 -1.18 4.86 -25.03
N SER A 102 -1.54 6.06 -25.47
CA SER A 102 -2.17 6.26 -26.77
C SER A 102 -2.13 7.73 -27.18
N ALA A 103 -2.21 7.99 -28.47
CA ALA A 103 -2.23 9.35 -28.99
C ALA A 103 -3.64 9.86 -28.81
N GLU A 104 -4.58 8.92 -28.72
CA GLU A 104 -5.97 9.25 -28.51
C GLU A 104 -6.16 9.40 -27.00
N ARG A 105 -6.67 10.55 -26.56
CA ARG A 105 -6.85 10.83 -25.14
C ARG A 105 -7.89 9.92 -24.50
N SER A 106 -8.72 9.30 -25.32
CA SER A 106 -9.76 8.44 -24.77
C SER A 106 -9.21 7.01 -24.67
N LYS A 107 -8.48 6.59 -25.69
CA LYS A 107 -7.90 5.25 -25.71
C LYS A 107 -6.88 5.09 -24.60
N ALA A 108 -6.44 6.21 -24.03
CA ALA A 108 -5.46 6.22 -22.96
C ALA A 108 -6.09 5.87 -21.64
N GLY A 109 -7.38 6.15 -21.54
CA GLY A 109 -8.09 5.88 -20.30
C GLY A 109 -7.82 6.98 -19.29
N VAL A 110 -8.08 6.70 -18.03
CA VAL A 110 -7.89 7.71 -17.03
C VAL A 110 -7.66 7.09 -15.65
N PHE A 111 -6.73 7.67 -14.89
CA PHE A 111 -6.44 7.21 -13.54
C PHE A 111 -7.51 7.79 -12.61
N GLN A 112 -7.80 7.13 -11.48
CA GLN A 112 -8.83 7.62 -10.57
C GLN A 112 -8.50 7.65 -9.08
N TYR A 113 -8.73 8.77 -8.43
CA TYR A 113 -8.54 8.80 -6.98
C TYR A 113 -9.96 8.83 -6.48
N ALA A 114 -10.49 7.68 -6.07
CA ALA A 114 -11.88 7.57 -5.64
C ALA A 114 -12.47 8.72 -4.82
N TYR A 115 -11.87 9.02 -3.68
CA TYR A 115 -12.37 10.06 -2.80
C TYR A 115 -11.28 10.48 -1.83
N ILE A 116 -11.41 11.65 -1.21
CA ILE A 116 -10.42 12.13 -0.25
C ILE A 116 -10.99 12.36 1.15
N HIS A 117 -10.69 11.47 2.09
CA HIS A 117 -11.19 11.63 3.47
C HIS A 117 -10.27 12.49 4.35
N ARG A 118 -10.82 13.46 5.08
CA ARG A 118 -9.95 14.28 5.91
C ARG A 118 -9.07 13.43 6.84
N SER A 119 -9.60 12.28 7.26
CA SER A 119 -8.85 11.39 8.14
C SER A 119 -7.70 10.66 7.44
N GLU A 120 -7.69 10.65 6.10
CA GLU A 120 -6.61 10.00 5.36
C GLU A 120 -5.58 10.98 4.81
N VAL A 121 -5.55 12.21 5.31
CA VAL A 121 -4.56 13.13 4.84
C VAL A 121 -3.38 13.06 5.80
N PHE A 122 -2.22 12.62 5.30
CA PHE A 122 -1.01 12.47 6.12
C PHE A 122 -0.70 13.72 6.91
N THR A 123 -0.87 13.62 8.23
CA THR A 123 -0.65 14.76 9.10
C THR A 123 0.36 14.48 10.21
N THR A 124 1.41 15.28 10.23
CA THR A 124 2.43 15.10 11.24
C THR A 124 2.52 16.32 12.13
N PRO A 125 3.06 16.18 13.33
CA PRO A 125 3.21 17.24 14.29
C PRO A 125 4.04 18.40 13.75
N GLU A 126 3.51 19.61 13.90
CA GLU A 126 4.18 20.82 13.45
C GLU A 126 5.57 21.05 14.02
N TRP A 127 5.75 20.75 15.30
CA TRP A 127 7.03 21.02 15.91
C TRP A 127 8.14 20.12 15.42
N ALA A 128 7.80 18.94 14.91
CA ALA A 128 8.82 18.02 14.46
C ALA A 128 9.52 18.49 13.21
N LYS A 129 8.85 19.35 12.44
CA LYS A 129 9.42 19.84 11.20
C LYS A 129 10.58 20.79 11.44
N GLU A 130 10.49 21.58 12.51
CA GLU A 130 11.53 22.56 12.78
C GLU A 130 12.31 22.25 14.05
N ALA A 131 12.27 20.98 14.43
CA ALA A 131 12.97 20.52 15.60
C ALA A 131 14.37 20.11 15.24
N VAL A 132 15.19 20.00 16.28
CA VAL A 132 16.58 19.55 16.17
C VAL A 132 16.71 18.56 17.31
N ILE A 133 16.76 17.28 16.96
CA ILE A 133 16.84 16.20 17.93
C ILE A 133 18.28 15.96 18.36
N TYR A 134 18.40 15.60 19.63
CA TYR A 134 19.67 15.31 20.26
C TYR A 134 19.59 13.93 20.91
N GLN A 135 20.44 13.01 20.45
CA GLN A 135 20.48 11.65 21.00
C GLN A 135 21.34 11.48 22.24
N ILE A 136 20.71 11.06 23.33
CA ILE A 136 21.39 10.84 24.59
C ILE A 136 21.45 9.38 25.00
N PHE A 137 22.65 8.93 25.36
CA PHE A 137 22.90 7.58 25.84
C PHE A 137 23.10 7.85 27.33
N PRO A 138 22.04 7.76 28.12
CA PRO A 138 22.08 8.00 29.56
C PRO A 138 23.33 7.62 30.32
N GLU A 139 23.77 6.37 30.14
CA GLU A 139 24.94 5.81 30.79
C GLU A 139 26.22 6.58 30.54
N ARG A 140 26.29 7.32 29.44
CA ARG A 140 27.52 8.04 29.17
C ARG A 140 27.45 9.58 29.01
N PHE A 141 26.28 10.15 29.23
CA PHE A 141 26.11 11.61 29.07
C PHE A 141 26.58 12.46 30.24
N ALA A 142 26.01 12.25 31.42
CA ALA A 142 26.42 13.02 32.59
C ALA A 142 26.01 12.27 33.84
N ASN A 143 26.96 12.00 34.72
CA ASN A 143 26.65 11.29 35.94
C ASN A 143 26.47 12.30 37.06
N GLY A 144 25.22 12.71 37.21
CA GLY A 144 24.83 13.71 38.19
C GLY A 144 24.56 13.20 39.57
N ASP A 145 24.52 11.88 39.72
CA ASP A 145 24.33 11.27 41.02
C ASP A 145 25.24 10.05 41.17
N PRO A 146 26.43 10.21 41.79
CA PRO A 146 27.32 9.06 41.95
C PRO A 146 26.75 7.91 42.75
N SER A 147 25.73 8.15 43.56
CA SER A 147 25.14 7.06 44.32
C SER A 147 24.26 6.17 43.43
N ASN A 148 24.18 6.54 42.15
CA ASN A 148 23.39 5.81 41.14
C ASN A 148 24.32 4.71 40.63
N ASP A 149 25.57 5.11 40.41
CA ASP A 149 26.62 4.27 39.86
C ASP A 149 26.58 2.79 40.24
N PRO A 150 26.70 1.90 39.23
CA PRO A 150 26.68 0.47 39.52
C PRO A 150 28.03 -0.03 39.99
N PRO A 151 28.05 -1.15 40.72
CA PRO A 151 29.34 -1.67 41.19
C PRO A 151 30.32 -1.75 40.04
N GLY A 152 31.57 -1.42 40.31
CA GLY A 152 32.59 -1.49 39.28
C GLY A 152 32.62 -0.36 38.27
N THR A 153 32.00 0.77 38.60
CA THR A 153 32.02 1.90 37.68
C THR A 153 33.44 2.43 37.49
N GLU A 154 33.74 2.92 36.29
CA GLU A 154 35.07 3.46 36.00
C GLU A 154 35.09 4.98 36.06
N GLN A 155 36.26 5.54 36.34
CA GLN A 155 36.44 6.98 36.43
C GLN A 155 36.03 7.69 35.13
N TRP A 156 35.48 8.89 35.27
CA TRP A 156 35.02 9.70 34.15
C TRP A 156 36.18 10.58 33.67
N ALA A 157 36.90 10.11 32.66
CA ALA A 157 38.03 10.89 32.15
C ALA A 157 38.12 10.98 30.64
N LYS A 158 38.79 12.04 30.17
CA LYS A 158 39.01 12.31 28.74
C LYS A 158 39.72 11.16 28.01
N ASP A 159 40.88 10.77 28.54
CA ASP A 159 41.68 9.69 27.97
C ASP A 159 41.11 8.33 28.37
N ALA A 160 39.85 8.09 28.01
CA ALA A 160 39.19 6.84 28.34
C ALA A 160 38.80 6.09 27.09
N ARG A 161 39.06 4.79 27.09
CA ARG A 161 38.73 3.92 25.97
C ARG A 161 37.79 2.86 26.54
N PRO A 162 36.49 3.01 26.26
CA PRO A 162 35.47 2.07 26.74
C PRO A 162 35.63 0.63 26.29
N ARG A 163 34.94 -0.26 27.00
CA ARG A 163 34.94 -1.68 26.73
C ARG A 163 33.46 -2.02 26.54
N HIS A 164 33.18 -3.17 25.94
CA HIS A 164 31.81 -3.61 25.67
C HIS A 164 30.94 -3.56 26.93
N ASP A 165 31.52 -3.98 28.05
CA ASP A 165 30.82 -4.03 29.32
C ASP A 165 31.22 -3.01 30.41
N SER A 166 31.76 -1.87 29.97
CA SER A 166 32.20 -0.81 30.87
C SER A 166 31.02 -0.02 31.43
N PHE A 167 31.25 0.67 32.54
CA PHE A 167 30.22 1.46 33.19
C PHE A 167 30.80 2.79 33.62
N TYR A 168 30.05 3.87 33.44
CA TYR A 168 30.54 5.20 33.82
C TYR A 168 29.64 5.97 34.77
N GLY A 169 28.48 5.40 35.08
CA GLY A 169 27.58 6.02 36.02
C GLY A 169 26.59 7.04 35.53
N GLY A 170 26.49 7.19 34.22
CA GLY A 170 25.55 8.14 33.62
C GLY A 170 24.11 7.93 34.09
N ASP A 171 23.41 9.03 34.37
CA ASP A 171 22.05 8.96 34.90
C ASP A 171 21.14 10.12 34.46
N LEU A 172 19.86 10.05 34.82
CA LEU A 172 18.93 11.09 34.47
C LEU A 172 19.21 12.43 35.17
N LYS A 173 19.61 12.36 36.44
CA LYS A 173 19.92 13.58 37.20
C LYS A 173 20.98 14.41 36.52
N GLY A 174 21.92 13.75 35.86
CA GLY A 174 22.94 14.47 35.14
C GLY A 174 22.30 15.18 33.94
N VAL A 175 21.34 14.52 33.32
CA VAL A 175 20.68 15.10 32.16
C VAL A 175 20.06 16.40 32.60
N ILE A 176 19.38 16.36 33.74
CA ILE A 176 18.73 17.55 34.27
C ILE A 176 19.76 18.65 34.53
N ASP A 177 20.83 18.30 35.26
CA ASP A 177 21.87 19.26 35.62
C ASP A 177 22.48 19.94 34.40
N ARG A 178 22.48 19.22 33.28
CA ARG A 178 23.05 19.72 32.04
C ARG A 178 22.05 20.29 31.02
N LEU A 179 20.80 20.48 31.41
CA LEU A 179 19.83 21.04 30.46
C LEU A 179 20.22 22.41 29.89
N PRO A 180 20.80 23.32 30.70
CA PRO A 180 21.21 24.65 30.26
C PRO A 180 22.18 24.64 29.09
N TYR A 181 23.03 23.62 29.10
CA TYR A 181 24.00 23.42 28.05
C TYR A 181 23.25 23.15 26.77
N LEU A 182 22.29 22.23 26.84
CA LEU A 182 21.50 21.86 25.67
C LEU A 182 20.65 23.01 25.12
N GLU A 183 19.97 23.71 26.02
CA GLU A 183 19.13 24.82 25.62
C GLU A 183 19.99 25.83 24.88
N GLU A 184 21.19 26.08 25.40
CA GLU A 184 22.08 27.04 24.76
C GLU A 184 22.39 26.60 23.33
N LEU A 185 22.67 25.32 23.15
CA LEU A 185 23.00 24.75 21.84
C LEU A 185 21.83 24.87 20.88
N GLY A 186 20.64 24.92 21.45
CA GLY A 186 19.43 25.07 20.68
C GLY A 186 18.67 23.80 20.36
N VAL A 187 18.93 22.72 21.08
CA VAL A 187 18.23 21.48 20.76
C VAL A 187 16.75 21.68 21.08
N THR A 188 15.89 21.10 20.26
CA THR A 188 14.46 21.26 20.44
C THR A 188 13.86 20.04 21.08
N ALA A 189 14.59 18.94 21.04
CA ALA A 189 14.10 17.71 21.59
C ALA A 189 15.22 16.73 21.91
N LEU A 190 15.00 15.91 22.94
CA LEU A 190 15.96 14.92 23.41
C LEU A 190 15.49 13.50 23.20
N TYR A 191 16.35 12.69 22.60
CA TYR A 191 16.03 11.29 22.34
C TYR A 191 16.86 10.38 23.22
N PHE A 192 16.16 9.60 24.06
CA PHE A 192 16.80 8.66 24.99
C PHE A 192 16.70 7.24 24.46
N THR A 193 17.78 6.48 24.60
CA THR A 193 17.76 5.09 24.16
C THR A 193 16.99 4.37 25.27
N PRO A 194 16.74 3.06 25.14
CA PRO A 194 15.99 2.43 26.24
C PRO A 194 16.56 2.70 27.64
N ILE A 195 15.68 3.13 28.54
CA ILE A 195 16.02 3.46 29.92
C ILE A 195 15.13 2.70 30.90
N PHE A 196 14.36 1.77 30.38
CA PHE A 196 13.50 1.00 31.23
C PHE A 196 14.31 -0.05 31.95
N ALA A 197 13.77 -0.56 33.06
CA ALA A 197 14.43 -1.56 33.89
C ALA A 197 14.95 -2.74 33.11
N SER A 198 16.23 -3.06 33.29
CA SER A 198 16.83 -4.21 32.62
C SER A 198 18.15 -4.61 33.28
N PRO A 199 18.35 -5.91 33.48
CA PRO A 199 19.55 -6.49 34.09
C PRO A 199 20.80 -6.39 33.22
N SER A 200 20.62 -6.14 31.93
CA SER A 200 21.74 -6.05 30.99
C SER A 200 22.43 -4.70 31.00
N HIS A 201 23.45 -4.57 30.14
CA HIS A 201 24.24 -3.35 30.01
C HIS A 201 23.63 -2.35 29.03
N HIS A 202 22.91 -2.87 28.03
CA HIS A 202 22.27 -2.06 26.98
C HIS A 202 20.79 -1.73 27.20
N LYS A 203 20.13 -2.50 28.06
CA LYS A 203 18.71 -2.28 28.39
C LYS A 203 17.72 -2.57 27.26
N TYR A 204 18.14 -3.32 26.25
CA TYR A 204 17.23 -3.65 25.15
C TYR A 204 16.31 -4.80 25.47
N ASP A 205 16.63 -5.54 26.53
CA ASP A 205 15.79 -6.63 26.99
C ASP A 205 15.13 -6.11 28.26
N THR A 206 13.98 -5.49 28.07
CA THR A 206 13.20 -4.88 29.13
C THR A 206 12.71 -5.87 30.15
N ALA A 207 12.82 -5.52 31.43
CA ALA A 207 12.34 -6.38 32.51
C ALA A 207 11.01 -5.87 33.02
N ASP A 208 10.90 -4.56 33.20
CA ASP A 208 9.64 -3.98 33.64
C ASP A 208 9.41 -2.71 32.80
N TYR A 209 8.46 -2.76 31.89
CA TYR A 209 8.20 -1.63 31.04
C TYR A 209 7.66 -0.46 31.83
N LEU A 210 7.19 -0.71 33.03
CA LEU A 210 6.58 0.35 33.82
C LEU A 210 7.45 0.92 34.92
N ALA A 211 8.75 0.80 34.76
CA ALA A 211 9.65 1.33 35.77
C ALA A 211 10.96 1.74 35.15
N ILE A 212 11.56 2.77 35.72
CA ILE A 212 12.85 3.22 35.22
C ILE A 212 13.94 2.41 35.87
N ASP A 213 14.95 2.10 35.08
CA ASP A 213 16.03 1.33 35.61
C ASP A 213 16.68 2.12 36.73
N PRO A 214 16.84 1.51 37.92
CA PRO A 214 17.44 2.12 39.10
C PRO A 214 18.72 2.88 38.82
N GLN A 215 19.47 2.37 37.85
CA GLN A 215 20.74 2.92 37.43
C GLN A 215 20.63 4.33 36.85
N PHE A 216 19.53 4.64 36.17
CA PHE A 216 19.34 5.95 35.57
C PHE A 216 18.56 6.88 36.48
N GLY A 217 17.70 6.32 37.31
CA GLY A 217 16.93 7.14 38.22
C GLY A 217 15.63 6.49 38.66
N ASP A 218 14.62 7.29 38.94
CA ASP A 218 13.34 6.76 39.38
C ASP A 218 12.22 7.62 38.82
N LEU A 219 10.96 7.22 39.05
CA LEU A 219 9.80 7.94 38.55
C LEU A 219 9.78 9.43 38.88
N PRO A 220 9.97 9.76 40.15
CA PRO A 220 9.97 11.17 40.56
C PRO A 220 10.99 12.00 39.76
N THR A 221 12.22 11.49 39.63
CA THR A 221 13.28 12.18 38.89
C THR A 221 12.93 12.38 37.43
N PHE A 222 12.32 11.36 36.83
CA PHE A 222 11.93 11.46 35.44
C PHE A 222 10.95 12.60 35.32
N ARG A 223 9.92 12.57 36.15
CA ARG A 223 8.91 13.62 36.09
C ARG A 223 9.61 14.94 36.12
N ARG A 224 10.59 15.09 37.01
CA ARG A 224 11.28 16.36 37.10
C ARG A 224 12.01 16.72 35.82
N LEU A 225 12.58 15.71 35.14
CA LEU A 225 13.29 15.93 33.89
C LEU A 225 12.31 16.44 32.86
N VAL A 226 11.17 15.78 32.80
CA VAL A 226 10.19 16.18 31.86
C VAL A 226 9.87 17.63 32.07
N ASP A 227 9.48 18.01 33.28
CA ASP A 227 9.15 19.40 33.56
C ASP A 227 10.27 20.36 33.25
N GLU A 228 11.48 20.07 33.71
CA GLU A 228 12.60 20.98 33.45
C GLU A 228 12.88 21.05 31.96
N ALA A 229 12.64 19.94 31.27
CA ALA A 229 12.85 19.92 29.83
C ALA A 229 11.77 20.76 29.15
N HIS A 230 10.52 20.49 29.46
CA HIS A 230 9.40 21.21 28.88
C HIS A 230 9.44 22.69 29.15
N ARG A 231 9.85 23.04 30.36
CA ARG A 231 9.93 24.43 30.79
C ARG A 231 10.91 25.21 29.93
N ARG A 232 11.91 24.53 29.39
CA ARG A 232 12.93 25.15 28.57
C ARG A 232 12.64 24.92 27.11
N GLY A 233 11.39 24.55 26.83
CA GLY A 233 10.97 24.34 25.46
C GLY A 233 11.59 23.14 24.75
N ILE A 234 11.93 22.09 25.49
CA ILE A 234 12.54 20.90 24.91
C ILE A 234 11.70 19.64 25.12
N LYS A 235 11.35 18.95 24.03
CA LYS A 235 10.52 17.73 24.10
C LYS A 235 11.37 16.52 24.46
N ILE A 236 10.73 15.48 24.99
CA ILE A 236 11.42 14.25 25.37
C ILE A 236 10.87 13.08 24.56
N ILE A 237 11.73 12.44 23.78
CA ILE A 237 11.32 11.30 22.98
C ILE A 237 11.98 10.05 23.56
N LEU A 238 11.15 9.10 23.95
CA LEU A 238 11.63 7.87 24.57
C LEU A 238 11.66 6.74 23.56
N ASP A 239 12.59 5.82 23.77
CA ASP A 239 12.80 4.66 22.91
C ASP A 239 12.02 3.47 23.46
N ALA A 240 11.21 2.81 22.63
CA ALA A 240 10.43 1.68 23.14
C ALA A 240 10.63 0.40 22.38
N VAL A 241 10.87 -0.68 23.09
CA VAL A 241 11.04 -1.93 22.40
C VAL A 241 9.84 -2.82 22.58
N PHE A 242 8.92 -2.78 21.62
CA PHE A 242 7.73 -3.61 21.69
C PHE A 242 7.77 -4.91 20.88
N ASN A 243 8.83 -5.17 20.11
CA ASN A 243 8.90 -6.42 19.33
C ASN A 243 9.22 -7.58 20.23
N HIS A 244 10.09 -7.36 21.20
CA HIS A 244 10.47 -8.43 22.09
C HIS A 244 10.74 -7.89 23.49
N ALA A 245 10.66 -8.78 24.46
CA ALA A 245 10.91 -8.42 25.83
C ALA A 245 12.18 -9.12 26.28
N GLY A 246 12.60 -8.86 27.52
CA GLY A 246 13.79 -9.50 28.04
C GLY A 246 13.47 -10.83 28.70
N ASP A 247 14.50 -11.62 28.98
CA ASP A 247 14.29 -12.93 29.59
C ASP A 247 13.77 -12.78 31.02
N GLN A 248 13.79 -11.57 31.55
CA GLN A 248 13.30 -11.34 32.91
C GLN A 248 11.89 -10.87 32.95
N PHE A 249 11.31 -10.51 31.82
CA PHE A 249 9.94 -9.99 31.82
C PHE A 249 8.99 -10.90 32.61
N PHE A 250 8.28 -10.29 33.56
CA PHE A 250 7.37 -11.05 34.40
C PHE A 250 6.54 -12.15 33.71
N ALA A 251 6.06 -11.90 32.49
CA ALA A 251 5.26 -12.91 31.82
C ALA A 251 6.09 -14.09 31.35
N PHE A 252 7.33 -13.84 30.99
CA PHE A 252 8.17 -14.93 30.54
C PHE A 252 8.55 -15.72 31.79
N ARG A 253 8.73 -15.00 32.90
CA ARG A 253 9.10 -15.59 34.18
C ARG A 253 8.04 -16.60 34.62
N ASP A 254 6.80 -16.31 34.27
CA ASP A 254 5.69 -17.18 34.61
C ASP A 254 5.67 -18.45 33.78
N VAL A 255 5.75 -18.32 32.46
CA VAL A 255 5.75 -19.49 31.55
C VAL A 255 6.97 -20.38 31.77
N LEU A 256 8.11 -19.79 32.10
CA LEU A 256 9.31 -20.58 32.29
C LEU A 256 9.16 -21.37 33.60
N GLN A 257 8.18 -20.98 34.42
CA GLN A 257 7.91 -21.66 35.68
C GLN A 257 6.62 -22.48 35.63
N LYS A 258 5.60 -22.00 34.94
CA LYS A 258 4.33 -22.72 34.87
C LYS A 258 4.03 -23.43 33.53
N GLY A 259 5.00 -23.44 32.62
CA GLY A 259 4.82 -24.10 31.34
C GLY A 259 3.44 -23.91 30.73
N GLU A 260 2.92 -24.95 30.10
CA GLU A 260 1.62 -24.89 29.47
C GLU A 260 0.49 -24.44 30.39
N GLN A 261 0.69 -24.51 31.70
CA GLN A 261 -0.35 -24.12 32.66
C GLN A 261 -0.41 -22.63 32.87
N SER A 262 0.57 -21.94 32.29
CA SER A 262 0.67 -20.49 32.41
C SER A 262 -0.34 -19.82 31.52
N ARG A 263 -0.96 -18.78 32.04
CA ARG A 263 -1.96 -18.06 31.28
C ARG A 263 -1.33 -17.06 30.32
N TYR A 264 0.00 -17.10 30.26
CA TYR A 264 0.75 -16.20 29.42
C TYR A 264 1.50 -16.91 28.31
N LYS A 265 1.25 -18.21 28.13
CA LYS A 265 1.94 -18.98 27.07
C LYS A 265 1.73 -18.42 25.66
N ASP A 266 0.54 -17.92 25.39
CA ASP A 266 0.19 -17.37 24.08
C ASP A 266 0.71 -15.95 23.85
N TRP A 267 1.55 -15.47 24.78
CA TRP A 267 2.13 -14.14 24.71
C TRP A 267 3.48 -14.17 24.00
N PHE A 268 3.96 -15.37 23.73
CA PHE A 268 5.23 -15.56 23.06
C PHE A 268 5.08 -16.61 21.98
N PHE A 269 6.16 -16.88 21.27
CA PHE A 269 6.13 -17.88 20.21
C PHE A 269 6.93 -19.06 20.72
N ILE A 270 6.23 -19.99 21.35
CA ILE A 270 6.87 -21.16 21.92
C ILE A 270 6.44 -22.39 21.13
N GLU A 271 7.44 -23.11 20.63
CA GLU A 271 7.20 -24.29 19.84
C GLU A 271 6.64 -25.39 20.74
N ASP A 272 7.53 -26.05 21.48
CA ASP A 272 7.13 -27.12 22.39
C ASP A 272 7.82 -26.83 23.72
N PHE A 273 7.09 -26.62 24.82
CA PHE A 273 7.89 -26.38 26.02
C PHE A 273 8.66 -27.70 26.35
N PRO A 274 9.07 -27.91 27.62
CA PRO A 274 8.93 -27.07 28.81
C PRO A 274 9.96 -25.97 28.47
N VAL A 275 9.50 -24.75 28.23
CA VAL A 275 10.43 -23.67 27.82
C VAL A 275 11.84 -23.94 28.31
N SER A 276 12.72 -24.22 27.35
CA SER A 276 14.12 -24.55 27.62
C SER A 276 15.04 -23.42 27.18
N LYS A 277 15.22 -22.43 28.06
CA LYS A 277 16.09 -21.30 27.75
C LYS A 277 17.55 -21.62 28.09
N THR A 278 17.84 -22.91 28.34
CA THR A 278 19.21 -23.36 28.69
C THR A 278 20.32 -22.71 27.86
N SER A 279 20.36 -23.07 26.56
CA SER A 279 21.33 -22.55 25.60
C SER A 279 20.74 -22.70 24.20
N ARG A 280 19.84 -23.67 24.04
CA ARG A 280 19.17 -23.85 22.76
C ARG A 280 17.82 -23.20 23.07
N THR A 281 16.96 -23.03 22.09
CA THR A 281 15.69 -22.42 22.40
C THR A 281 14.56 -23.09 21.68
N ASN A 282 13.43 -23.15 22.36
CA ASN A 282 12.26 -23.78 21.81
C ASN A 282 11.19 -22.71 21.63
N TYR A 283 11.65 -21.47 21.57
CA TYR A 283 10.77 -20.32 21.38
C TYR A 283 11.53 -19.37 20.46
N GLU A 284 10.76 -18.59 19.71
CA GLU A 284 11.33 -17.63 18.77
C GLU A 284 11.83 -16.41 19.53
N THR A 285 13.07 -16.02 19.25
CA THR A 285 13.67 -14.88 19.92
C THR A 285 14.02 -13.81 18.91
N PHE A 286 14.70 -12.77 19.37
CA PHE A 286 15.09 -11.65 18.53
C PHE A 286 15.80 -11.98 17.22
N ALA A 287 17.12 -12.07 17.22
CA ALA A 287 17.76 -12.32 15.96
C ALA A 287 17.81 -13.81 15.65
N VAL A 288 18.66 -14.53 16.35
CA VAL A 288 18.81 -15.96 16.13
C VAL A 288 18.74 -16.74 17.44
N GLN A 289 19.84 -16.73 18.18
CA GLN A 289 19.86 -17.43 19.45
C GLN A 289 20.15 -16.37 20.49
N VAL A 290 19.09 -15.75 20.98
CA VAL A 290 19.25 -14.70 21.98
C VAL A 290 18.10 -14.88 22.95
N PRO A 291 18.23 -15.90 23.83
CA PRO A 291 17.26 -16.28 24.85
C PRO A 291 16.78 -15.14 25.72
N ALA A 292 17.64 -14.13 25.87
CA ALA A 292 17.34 -12.98 26.70
C ALA A 292 16.28 -12.05 26.15
N MET A 293 15.90 -12.30 24.89
CA MET A 293 14.96 -11.44 24.17
C MET A 293 13.83 -12.20 23.47
N PRO A 294 12.88 -12.77 24.22
CA PRO A 294 11.77 -13.50 23.61
C PRO A 294 10.82 -12.55 22.88
N LYS A 295 10.52 -12.88 21.63
CA LYS A 295 9.61 -12.09 20.81
C LYS A 295 8.20 -12.10 21.39
N LEU A 296 7.50 -10.97 21.31
CA LEU A 296 6.14 -10.92 21.84
C LEU A 296 5.14 -11.09 20.71
N ARG A 297 4.04 -11.78 21.00
CA ARG A 297 2.99 -12.02 20.03
C ARG A 297 2.02 -10.82 20.07
N THR A 298 2.40 -9.74 19.40
CA THR A 298 1.59 -8.53 19.37
C THR A 298 0.22 -8.74 18.75
N GLU A 299 0.08 -9.84 18.04
CA GLU A 299 -1.16 -10.16 17.37
C GLU A 299 -2.19 -10.61 18.40
N ASN A 300 -1.68 -11.10 19.54
CA ASN A 300 -2.53 -11.56 20.63
C ASN A 300 -3.17 -10.34 21.27
N PRO A 301 -4.50 -10.31 21.32
CA PRO A 301 -5.24 -9.18 21.90
C PRO A 301 -4.81 -8.86 23.33
N GLU A 302 -4.41 -9.87 24.08
CA GLU A 302 -3.99 -9.67 25.46
C GLU A 302 -2.69 -8.89 25.58
N VAL A 303 -1.73 -9.21 24.71
CA VAL A 303 -0.42 -8.54 24.71
C VAL A 303 -0.53 -7.09 24.26
N LYS A 304 -1.29 -6.86 23.20
CA LYS A 304 -1.48 -5.53 22.65
C LYS A 304 -2.01 -4.60 23.73
N GLU A 305 -3.01 -5.05 24.48
CA GLU A 305 -3.56 -4.21 25.53
C GLU A 305 -2.50 -3.83 26.55
N TYR A 306 -1.60 -4.76 26.85
CA TYR A 306 -0.56 -4.47 27.81
C TYR A 306 0.35 -3.39 27.25
N LEU A 307 0.94 -3.63 26.09
CA LEU A 307 1.83 -2.63 25.52
C LEU A 307 1.09 -1.31 25.39
N PHE A 308 -0.18 -1.39 25.00
CA PHE A 308 -0.95 -0.18 24.85
C PHE A 308 -1.10 0.51 26.19
N ASP A 309 -1.25 -0.26 27.25
CA ASP A 309 -1.40 0.36 28.55
C ASP A 309 -0.09 0.98 28.97
N VAL A 310 1.00 0.35 28.56
CA VAL A 310 2.31 0.87 28.86
C VAL A 310 2.51 2.24 28.21
N ALA A 311 2.14 2.35 26.94
CA ALA A 311 2.27 3.61 26.21
C ALA A 311 1.46 4.67 26.93
N ARG A 312 0.28 4.25 27.37
CA ARG A 312 -0.64 5.13 28.07
C ARG A 312 -0.01 5.70 29.34
N PHE A 313 0.60 4.83 30.15
CA PHE A 313 1.24 5.24 31.39
C PHE A 313 2.31 6.29 31.21
N TRP A 314 3.20 6.05 30.27
CA TRP A 314 4.28 6.98 30.01
C TRP A 314 3.85 8.29 29.37
N MET A 315 2.72 8.26 28.67
CA MET A 315 2.23 9.46 28.03
C MET A 315 1.66 10.37 29.12
N GLU A 316 1.30 9.77 30.26
CA GLU A 316 0.78 10.49 31.42
C GLU A 316 1.92 11.24 32.08
N GLN A 317 3.15 10.77 31.84
CA GLN A 317 4.31 11.42 32.39
C GLN A 317 4.75 12.57 31.53
N GLY A 318 4.04 12.76 30.42
CA GLY A 318 4.34 13.85 29.52
C GLY A 318 5.30 13.69 28.36
N ILE A 319 5.72 12.45 28.05
CA ILE A 319 6.66 12.22 26.96
C ILE A 319 6.06 12.79 25.68
N ASP A 320 6.90 13.12 24.70
CA ASP A 320 6.37 13.73 23.49
C ASP A 320 6.37 12.85 22.25
N GLY A 321 6.81 11.61 22.41
CA GLY A 321 6.81 10.73 21.27
C GLY A 321 7.64 9.51 21.59
N TRP A 322 7.63 8.58 20.66
CA TRP A 322 8.29 7.30 20.79
C TRP A 322 9.11 6.97 19.58
N ARG A 323 10.25 6.30 19.78
CA ARG A 323 11.01 5.81 18.66
C ARG A 323 10.75 4.32 18.82
N LEU A 324 10.32 3.66 17.75
CA LEU A 324 9.99 2.25 17.81
C LEU A 324 11.05 1.35 17.23
N ASN A 325 11.82 0.75 18.13
CA ASN A 325 12.92 -0.16 17.78
C ASN A 325 12.41 -1.42 17.10
N VAL A 326 13.16 -1.91 16.12
CA VAL A 326 12.77 -3.11 15.39
C VAL A 326 11.27 -3.13 15.08
N ALA A 327 10.74 -2.00 14.62
CA ALA A 327 9.32 -1.91 14.32
C ALA A 327 8.84 -2.71 13.10
N ASN A 328 9.72 -2.87 12.12
CA ASN A 328 9.32 -3.57 10.93
C ASN A 328 8.90 -4.99 11.22
N GLU A 329 9.11 -5.46 12.44
CA GLU A 329 8.73 -6.84 12.74
C GLU A 329 7.45 -6.99 13.55
N VAL A 330 6.66 -5.92 13.60
CA VAL A 330 5.39 -5.93 14.31
C VAL A 330 4.29 -5.73 13.25
N ASP A 331 3.17 -6.46 13.39
CA ASP A 331 2.08 -6.38 12.40
C ASP A 331 1.62 -4.95 12.19
N HIS A 332 1.20 -4.64 10.97
CA HIS A 332 0.78 -3.29 10.70
C HIS A 332 -0.43 -2.88 11.54
N ALA A 333 -1.35 -3.82 11.76
CA ALA A 333 -2.56 -3.57 12.54
C ALA A 333 -2.21 -2.97 13.88
N PHE A 334 -1.26 -3.61 14.55
CA PHE A 334 -0.85 -3.11 15.85
C PHE A 334 -0.50 -1.65 15.72
N TRP A 335 0.35 -1.36 14.75
CA TRP A 335 0.85 -0.01 14.53
C TRP A 335 -0.23 1.01 14.18
N ARG A 336 -1.24 0.56 13.44
CA ARG A 336 -2.33 1.44 13.07
C ARG A 336 -3.13 1.80 14.32
N GLU A 337 -3.31 0.81 15.17
CA GLU A 337 -4.04 1.01 16.41
C GLU A 337 -3.20 1.81 17.40
N PHE A 338 -1.90 1.54 17.44
CA PHE A 338 -1.00 2.24 18.35
C PHE A 338 -1.08 3.75 18.07
N ARG A 339 -1.08 4.08 16.77
CA ARG A 339 -1.16 5.46 16.29
C ARG A 339 -2.39 6.17 16.82
N ARG A 340 -3.53 5.48 16.66
CA ARG A 340 -4.83 5.98 17.11
C ARG A 340 -4.75 6.30 18.60
N LEU A 341 -4.30 5.33 19.37
CA LEU A 341 -4.22 5.51 20.81
C LEU A 341 -3.39 6.73 21.09
N VAL A 342 -2.14 6.69 20.65
CA VAL A 342 -1.22 7.80 20.85
C VAL A 342 -1.72 9.17 20.40
N LYS A 343 -2.17 9.29 19.15
CA LYS A 343 -2.61 10.60 18.70
C LYS A 343 -3.84 11.09 19.47
N SER A 344 -4.66 10.14 19.92
CA SER A 344 -5.83 10.55 20.67
C SER A 344 -5.43 11.12 22.04
N LEU A 345 -4.32 10.65 22.61
CA LEU A 345 -3.91 11.15 23.92
C LEU A 345 -3.17 12.45 23.82
N ASN A 346 -2.47 12.61 22.70
CA ASN A 346 -1.71 13.81 22.44
C ASN A 346 -1.48 13.90 20.94
N PRO A 347 -2.15 14.83 20.25
CA PRO A 347 -1.98 14.96 18.81
C PRO A 347 -0.58 15.35 18.41
N ASP A 348 0.16 15.98 19.33
CA ASP A 348 1.51 16.37 19.00
C ASP A 348 2.54 15.29 19.31
N ALA A 349 2.08 14.13 19.71
CA ALA A 349 2.98 13.04 20.01
C ALA A 349 3.56 12.53 18.70
N LEU A 350 4.88 12.39 18.69
CA LEU A 350 5.60 11.93 17.50
C LEU A 350 5.89 10.43 17.47
N ILE A 351 5.75 9.80 16.31
CA ILE A 351 6.02 8.38 16.18
C ILE A 351 7.13 8.18 15.13
N VAL A 352 8.27 7.64 15.57
CA VAL A 352 9.40 7.39 14.67
C VAL A 352 9.78 5.91 14.72
N GLY A 353 9.84 5.27 13.54
CA GLY A 353 10.19 3.85 13.44
C GLY A 353 11.60 3.54 13.01
N GLU A 354 12.06 2.35 13.36
CA GLU A 354 13.38 1.88 13.02
C GLU A 354 13.37 0.82 11.91
N ILE A 355 13.50 1.26 10.66
CA ILE A 355 13.53 0.33 9.55
C ILE A 355 14.76 0.61 8.71
N TRP A 356 15.58 -0.41 8.51
CA TRP A 356 16.79 -0.20 7.75
C TRP A 356 16.64 -0.50 6.26
N HIS A 357 15.44 -0.26 5.72
CA HIS A 357 15.17 -0.52 4.31
C HIS A 357 13.92 0.21 3.90
N ASP A 358 13.56 0.15 2.62
CA ASP A 358 12.37 0.85 2.11
C ASP A 358 11.23 0.84 3.14
N ALA A 359 10.96 1.97 3.76
CA ALA A 359 9.91 1.99 4.76
C ALA A 359 8.63 2.49 4.19
N SER A 360 8.47 2.39 2.89
CA SER A 360 7.24 2.87 2.28
C SER A 360 5.93 2.38 2.92
N GLY A 361 5.78 1.07 3.12
CA GLY A 361 4.53 0.55 3.65
C GLY A 361 4.11 1.06 5.02
N TRP A 362 5.05 1.70 5.71
CA TRP A 362 4.78 2.25 7.03
C TRP A 362 4.73 3.79 6.96
N LEU A 363 4.91 4.36 5.77
CA LEU A 363 4.90 5.82 5.65
C LEU A 363 3.82 6.44 4.80
N MET A 364 2.61 5.91 4.87
CA MET A 364 1.50 6.46 4.10
C MET A 364 0.55 7.35 4.89
N GLY A 365 0.67 7.42 6.23
CA GLY A 365 -0.19 8.30 7.01
C GLY A 365 -0.99 7.67 8.14
N ASP A 366 -1.16 6.37 8.04
CA ASP A 366 -1.91 5.64 9.03
C ASP A 366 -1.04 4.89 10.05
N GLN A 367 0.29 4.88 9.88
CA GLN A 367 1.11 4.19 10.86
C GLN A 367 2.18 5.04 11.55
N PHE A 368 3.24 5.42 10.83
CA PHE A 368 4.30 6.24 11.43
C PHE A 368 4.36 7.66 10.87
N ASP A 369 5.04 8.55 11.59
CA ASP A 369 5.22 9.95 11.17
C ASP A 369 6.52 10.02 10.34
N SER A 370 7.48 9.20 10.69
CA SER A 370 8.73 9.15 9.94
C SER A 370 9.55 8.03 10.48
N VAL A 371 10.78 7.91 9.96
CA VAL A 371 11.74 6.88 10.36
C VAL A 371 13.13 7.48 10.25
N MET A 372 14.11 6.76 10.77
CA MET A 372 15.52 7.20 10.67
C MET A 372 15.91 7.11 9.20
N ASN A 373 16.35 8.22 8.62
CA ASN A 373 16.74 8.24 7.21
C ASN A 373 18.13 7.65 7.07
N TYR A 374 18.18 6.33 6.99
CA TYR A 374 19.46 5.63 6.87
C TYR A 374 20.14 5.90 5.54
N LEU A 375 19.36 6.24 4.52
CA LEU A 375 19.91 6.56 3.20
C LEU A 375 20.73 7.85 3.27
N PHE A 376 20.22 8.82 4.00
CA PHE A 376 20.90 10.10 4.19
C PHE A 376 22.34 9.92 4.65
N ARG A 377 22.53 9.17 5.73
CA ARG A 377 23.87 8.97 6.25
C ARG A 377 24.78 8.27 5.28
N GLU A 378 24.34 7.12 4.79
CA GLU A 378 25.14 6.32 3.86
C GLU A 378 25.63 7.23 2.74
N SER A 379 24.77 8.13 2.30
CA SER A 379 25.15 9.05 1.25
C SER A 379 26.14 10.10 1.75
N VAL A 380 25.99 10.62 2.96
CA VAL A 380 26.94 11.63 3.43
C VAL A 380 28.29 11.08 3.75
N ILE A 381 28.33 9.84 4.23
CA ILE A 381 29.59 9.17 4.57
C ILE A 381 30.46 9.11 3.33
N ARG A 382 29.86 8.57 2.25
CA ARG A 382 30.53 8.39 0.95
C ARG A 382 30.90 9.65 0.19
N PHE A 383 30.18 10.74 0.44
CA PHE A 383 30.48 11.98 -0.23
C PHE A 383 31.48 12.89 0.47
N PHE A 384 31.19 13.23 1.72
CA PHE A 384 32.05 14.13 2.48
C PHE A 384 33.20 13.46 3.21
N ALA A 385 32.97 12.27 3.74
CA ALA A 385 33.99 11.53 4.48
C ALA A 385 35.06 10.88 3.62
N THR A 386 34.70 9.73 3.04
CA THR A 386 35.62 8.96 2.19
C THR A 386 35.81 9.52 0.78
N GLY A 387 34.75 10.08 0.21
CA GLY A 387 34.90 10.61 -1.13
C GLY A 387 34.69 9.53 -2.17
N GLU A 388 33.99 8.46 -1.79
CA GLU A 388 33.73 7.37 -2.71
C GLU A 388 32.86 7.81 -3.89
N ILE A 389 32.11 8.88 -3.70
CA ILE A 389 31.24 9.39 -4.75
C ILE A 389 31.39 10.89 -4.93
N HIS A 390 30.97 11.37 -6.10
CA HIS A 390 31.05 12.81 -6.40
C HIS A 390 29.68 13.50 -6.39
N ALA A 391 29.71 14.82 -6.40
CA ALA A 391 28.49 15.61 -6.37
C ALA A 391 27.37 15.21 -7.33
N GLU A 392 27.69 14.98 -8.60
CA GLU A 392 26.63 14.62 -9.53
C GLU A 392 25.95 13.33 -9.10
N ARG A 393 26.74 12.36 -8.64
CA ARG A 393 26.22 11.09 -8.18
C ARG A 393 25.40 11.37 -6.92
N PHE A 394 26.01 12.12 -6.01
CA PHE A 394 25.39 12.50 -4.74
C PHE A 394 23.98 12.97 -4.98
N ASP A 395 23.84 13.96 -5.87
CA ASP A 395 22.56 14.55 -6.19
C ASP A 395 21.51 13.48 -6.51
N ALA A 396 21.93 12.47 -7.25
CA ALA A 396 21.05 11.37 -7.64
C ALA A 396 20.56 10.60 -6.42
N GLU A 397 21.49 10.22 -5.53
CA GLU A 397 21.13 9.48 -4.34
C GLU A 397 20.15 10.24 -3.47
N LEU A 398 20.45 11.50 -3.18
CA LEU A 398 19.58 12.33 -2.37
C LEU A 398 18.18 12.37 -2.96
N THR A 399 18.11 12.50 -4.28
CA THR A 399 16.82 12.55 -4.98
C THR A 399 16.10 11.22 -4.86
N ARG A 400 16.81 10.14 -5.19
CA ARG A 400 16.26 8.79 -5.13
C ARG A 400 15.48 8.59 -3.82
N ALA A 401 16.12 8.93 -2.70
CA ALA A 401 15.54 8.77 -1.39
C ALA A 401 14.27 9.59 -1.18
N ARG A 402 14.39 10.86 -1.52
CA ARG A 402 13.30 11.84 -1.37
C ARG A 402 12.00 11.44 -2.01
N MET A 403 12.08 10.88 -3.22
CA MET A 403 10.90 10.46 -3.97
C MET A 403 10.34 9.13 -3.45
N LEU A 404 10.97 8.55 -2.44
CA LEU A 404 10.51 7.28 -1.89
C LEU A 404 9.19 7.36 -1.14
N TYR A 405 9.03 8.40 -0.33
CA TYR A 405 7.83 8.56 0.48
C TYR A 405 7.11 9.86 0.16
N PRO A 406 5.92 10.06 0.74
CA PRO A 406 5.13 11.28 0.52
C PRO A 406 5.86 12.44 1.22
N GLU A 407 5.79 13.62 0.61
CA GLU A 407 6.47 14.78 1.16
C GLU A 407 6.26 15.00 2.65
N GLN A 408 5.07 14.70 3.15
CA GLN A 408 4.79 14.86 4.59
C GLN A 408 5.76 14.02 5.42
N ALA A 409 6.25 12.92 4.83
CA ALA A 409 7.17 12.05 5.54
C ALA A 409 8.60 12.51 5.36
N ALA A 410 8.93 12.84 4.11
CA ALA A 410 10.25 13.28 3.77
C ALA A 410 10.73 14.44 4.65
N GLN A 411 9.84 15.41 4.90
CA GLN A 411 10.19 16.57 5.74
C GLN A 411 10.39 16.18 7.19
N GLY A 412 10.04 14.95 7.55
CA GLY A 412 10.22 14.52 8.93
C GLY A 412 11.28 13.48 9.24
N LEU A 413 11.87 12.89 8.22
CA LEU A 413 12.89 11.87 8.41
C LEU A 413 14.03 12.34 9.30
N TRP A 414 14.44 11.48 10.23
CA TRP A 414 15.53 11.81 11.12
C TRP A 414 16.86 11.67 10.38
N ASN A 415 17.52 12.78 10.08
CA ASN A 415 18.80 12.71 9.39
C ASN A 415 20.01 12.68 10.32
N LEU A 416 20.50 11.48 10.64
CA LEU A 416 21.65 11.38 11.52
C LEU A 416 22.97 11.18 10.78
N LEU A 417 24.06 11.54 11.45
CA LEU A 417 25.38 11.36 10.86
C LEU A 417 25.99 10.13 11.51
N ASP A 418 25.55 9.84 12.72
CA ASP A 418 26.09 8.69 13.41
C ASP A 418 25.22 8.37 14.62
N SER A 419 25.53 7.30 15.32
CA SER A 419 24.76 6.92 16.48
C SER A 419 25.66 6.07 17.35
N HIS A 420 25.08 5.41 18.33
CA HIS A 420 25.89 4.57 19.18
C HIS A 420 26.38 3.32 18.44
N ASP A 421 25.87 3.09 17.23
CA ASP A 421 26.30 1.91 16.47
C ASP A 421 27.29 2.15 15.35
N THR A 422 27.80 3.37 15.26
CA THR A 422 28.74 3.70 14.19
C THR A 422 29.83 4.53 14.82
N GLU A 423 30.93 4.78 14.10
CA GLU A 423 31.96 5.62 14.69
C GLU A 423 31.57 7.08 14.51
N ARG A 424 32.24 7.98 15.22
CA ARG A 424 31.91 9.38 15.12
C ARG A 424 32.19 9.87 13.70
N PHE A 425 31.36 10.77 13.22
CA PHE A 425 31.54 11.25 11.87
C PHE A 425 32.92 11.85 11.74
N LEU A 426 33.48 12.35 12.83
CA LEU A 426 34.83 12.96 12.78
C LEU A 426 35.84 11.90 12.34
N THR A 427 35.69 10.69 12.87
CA THR A 427 36.59 9.59 12.55
C THR A 427 36.46 9.22 11.08
N SER A 428 35.22 9.17 10.59
CA SER A 428 34.99 8.84 9.20
C SER A 428 35.72 9.83 8.31
N CYS A 429 35.87 11.06 8.80
CA CYS A 429 36.55 12.12 8.07
C CYS A 429 38.04 12.12 8.35
N GLY A 430 38.49 11.09 9.06
CA GLY A 430 39.89 10.96 9.40
C GLY A 430 40.38 12.13 10.22
N GLY A 431 39.55 12.59 11.15
CA GLY A 431 39.93 13.69 12.00
C GLY A 431 39.95 15.03 11.30
N ASN A 432 39.62 15.05 10.01
CA ASN A 432 39.63 16.30 9.27
C ASN A 432 38.42 17.13 9.69
N GLU A 433 38.65 18.12 10.54
CA GLU A 433 37.57 18.96 11.00
C GLU A 433 37.01 19.74 9.83
N ALA A 434 37.83 19.91 8.81
CA ALA A 434 37.44 20.65 7.63
C ALA A 434 36.25 19.97 6.93
N LYS A 435 36.39 18.68 6.69
CA LYS A 435 35.34 17.91 6.03
C LYS A 435 34.12 17.78 6.94
N PHE A 436 34.36 17.38 8.18
CA PHE A 436 33.26 17.20 9.14
C PHE A 436 32.31 18.38 9.19
N ARG A 437 32.87 19.58 9.34
CA ARG A 437 32.03 20.77 9.42
C ARG A 437 31.12 20.91 8.21
N LEU A 438 31.67 20.71 7.02
CA LEU A 438 30.87 20.86 5.81
C LEU A 438 29.71 19.90 5.80
N ALA A 439 29.90 18.74 6.40
CA ALA A 439 28.86 17.72 6.50
C ALA A 439 27.74 18.23 7.40
N VAL A 440 28.12 18.90 8.48
CA VAL A 440 27.13 19.45 9.40
C VAL A 440 26.40 20.60 8.75
N LEU A 441 27.12 21.38 7.96
CA LEU A 441 26.52 22.51 7.25
C LEU A 441 25.38 21.96 6.39
N PHE A 442 25.65 20.83 5.73
CA PHE A 442 24.67 20.19 4.87
C PHE A 442 23.51 19.69 5.71
N GLN A 443 23.84 18.91 6.73
CA GLN A 443 22.83 18.34 7.60
C GLN A 443 21.83 19.35 8.14
N MET A 444 22.35 20.47 8.62
CA MET A 444 21.51 21.51 9.21
C MET A 444 20.72 22.29 8.17
N THR A 445 20.95 22.06 6.89
CA THR A 445 20.19 22.83 5.91
C THR A 445 19.41 22.00 4.92
N TYR A 446 19.57 20.69 4.94
CA TYR A 446 18.87 19.85 3.96
C TYR A 446 17.46 19.45 4.40
N LEU A 447 16.71 18.82 3.50
CA LEU A 447 15.32 18.40 3.76
C LEU A 447 15.24 17.29 4.78
N GLY A 448 14.66 17.57 5.95
CA GLY A 448 14.52 16.56 7.00
C GLY A 448 14.83 17.12 8.39
N THR A 449 14.75 16.31 9.42
CA THR A 449 15.03 16.82 10.77
C THR A 449 16.42 16.36 11.25
N PRO A 450 17.31 17.31 11.57
CA PRO A 450 18.68 17.00 12.02
C PRO A 450 18.71 16.28 13.34
N LEU A 451 19.54 15.25 13.45
CA LEU A 451 19.66 14.51 14.69
C LEU A 451 21.10 14.53 15.10
N ILE A 452 21.39 15.16 16.22
CA ILE A 452 22.76 15.26 16.71
C ILE A 452 23.05 14.14 17.69
N TYR A 453 24.18 13.47 17.50
CA TYR A 453 24.57 12.40 18.40
C TYR A 453 25.38 13.05 19.53
N TYR A 454 25.00 12.81 20.78
CA TYR A 454 25.68 13.42 21.93
C TYR A 454 27.21 13.48 21.82
N GLY A 455 27.75 14.68 21.96
CA GLY A 455 29.17 14.85 21.89
C GLY A 455 29.70 15.30 20.55
N ASP A 456 29.04 14.97 19.45
CA ASP A 456 29.60 15.45 18.19
C ASP A 456 29.81 16.94 18.23
N GLU A 457 28.94 17.69 18.90
CA GLU A 457 29.07 19.15 18.97
C GLU A 457 30.36 19.72 19.55
N ILE A 458 31.11 18.90 20.27
CA ILE A 458 32.35 19.36 20.88
C ILE A 458 33.58 18.71 20.24
N GLY A 459 33.37 18.10 19.08
CA GLY A 459 34.46 17.50 18.35
C GLY A 459 34.93 16.15 18.81
N MET A 460 34.06 15.39 19.44
CA MET A 460 34.44 14.08 19.93
C MET A 460 34.63 13.11 18.78
N ALA A 461 35.53 12.16 18.98
CA ALA A 461 35.84 11.14 18.00
C ALA A 461 35.95 9.78 18.67
N GLY A 462 36.05 8.74 17.86
CA GLY A 462 36.14 7.39 18.36
C GLY A 462 35.67 6.35 17.36
N ALA A 463 36.17 5.13 17.46
CA ALA A 463 35.76 4.09 16.53
C ALA A 463 34.38 3.60 16.93
N THR A 464 33.81 2.73 16.12
CA THR A 464 32.49 2.20 16.40
C THR A 464 32.44 1.62 17.80
N ASP A 465 31.22 1.28 18.23
CA ASP A 465 30.92 0.68 19.53
C ASP A 465 32.04 -0.24 19.98
N PRO A 466 32.49 -0.07 21.23
CA PRO A 466 31.95 0.91 22.18
C PRO A 466 32.76 2.19 22.18
N ASP A 467 33.79 2.26 21.34
CA ASP A 467 34.63 3.45 21.31
C ASP A 467 33.83 4.69 20.89
N CYS A 468 32.62 4.48 20.39
CA CYS A 468 31.75 5.59 19.99
C CYS A 468 30.94 6.09 21.20
N ARG A 469 30.99 5.32 22.29
CA ARG A 469 30.27 5.63 23.52
C ARG A 469 31.18 6.10 24.63
N ARG A 470 32.10 7.00 24.33
CA ARG A 470 33.00 7.49 25.36
C ARG A 470 32.27 8.52 26.20
N PRO A 471 32.58 8.61 27.50
CA PRO A 471 31.95 9.56 28.42
C PRO A 471 32.08 11.01 27.96
N MET A 472 30.93 11.68 27.91
CA MET A 472 30.86 13.07 27.49
C MET A 472 32.01 13.90 28.09
N ILE A 473 32.58 14.79 27.28
CA ILE A 473 33.66 15.67 27.72
C ILE A 473 33.07 16.95 28.28
N TRP A 474 33.11 17.11 29.60
CA TRP A 474 32.56 18.29 30.27
C TRP A 474 33.58 19.35 30.69
N GLU A 475 34.84 19.13 30.32
CA GLU A 475 35.94 20.05 30.62
C GLU A 475 35.95 21.18 29.62
N GLU A 476 35.62 22.38 30.04
CA GLU A 476 35.62 23.53 29.16
C GLU A 476 36.87 23.58 28.26
N LYS A 477 38.04 23.43 28.87
CA LYS A 477 39.30 23.49 28.13
C LYS A 477 39.64 22.25 27.31
N GLU A 478 38.76 21.26 27.30
CA GLU A 478 39.03 20.04 26.54
C GLU A 478 37.99 19.89 25.43
N GLN A 479 37.09 20.86 25.32
CA GLN A 479 36.04 20.81 24.30
C GLN A 479 36.44 21.68 23.11
N ASN A 480 35.92 21.34 21.94
CA ASN A 480 36.20 22.11 20.74
C ASN A 480 35.11 23.17 20.68
N ARG A 481 35.34 24.28 21.39
CA ARG A 481 34.33 25.32 21.45
C ARG A 481 34.13 25.96 20.10
N GLY A 482 35.11 25.79 19.22
CA GLY A 482 34.97 26.36 17.90
C GLY A 482 33.78 25.70 17.24
N LEU A 483 33.76 24.37 17.29
CA LEU A 483 32.66 23.59 16.71
C LEU A 483 31.37 23.85 17.47
N PHE A 484 31.45 23.89 18.78
CA PHE A 484 30.26 24.13 19.57
C PHE A 484 29.58 25.39 19.09
N GLU A 485 30.38 26.42 18.84
CA GLU A 485 29.85 27.70 18.38
C GLU A 485 29.31 27.55 16.96
N PHE A 486 30.00 26.72 16.17
CA PHE A 486 29.61 26.47 14.78
C PHE A 486 28.22 25.85 14.76
N TYR A 487 28.01 24.81 15.57
CA TYR A 487 26.70 24.15 15.66
C TYR A 487 25.63 25.14 16.08
N LYS A 488 25.91 25.95 17.09
CA LYS A 488 24.95 26.93 17.59
C LYS A 488 24.40 27.88 16.54
N GLU A 489 25.29 28.35 15.66
CA GLU A 489 24.93 29.29 14.59
C GLU A 489 24.14 28.65 13.44
N LEU A 490 24.49 27.43 13.09
CA LEU A 490 23.78 26.74 12.04
C LEU A 490 22.37 26.47 12.54
N ILE A 491 22.29 25.96 13.77
CA ILE A 491 21.00 25.66 14.39
C ILE A 491 20.17 26.93 14.45
N ARG A 492 20.81 28.06 14.74
CA ARG A 492 20.10 29.33 14.80
C ARG A 492 19.54 29.76 13.46
N LEU A 493 20.30 29.56 12.40
CA LEU A 493 19.84 29.93 11.08
C LEU A 493 18.60 29.10 10.73
N ARG A 494 18.66 27.82 11.08
CA ARG A 494 17.57 26.88 10.79
C ARG A 494 16.26 27.29 11.40
N HIS A 495 16.29 27.83 12.62
CA HIS A 495 15.08 28.23 13.31
C HIS A 495 14.49 29.54 12.83
N ARG A 496 15.27 30.34 12.10
CA ARG A 496 14.78 31.63 11.62
C ARG A 496 14.45 31.63 10.14
N LEU A 497 15.02 30.71 9.37
CA LEU A 497 14.76 30.65 7.95
C LEU A 497 13.74 29.54 7.65
N ALA A 498 12.52 29.94 7.33
CA ALA A 498 11.45 29.01 7.04
C ALA A 498 11.86 27.98 6.00
N SER A 499 12.57 28.43 4.97
CA SER A 499 12.98 27.55 3.89
C SER A 499 13.72 26.31 4.38
N LEU A 500 14.56 26.48 5.39
CA LEU A 500 15.33 25.38 5.90
C LEU A 500 14.50 24.36 6.65
N THR A 501 13.33 24.74 7.12
CA THR A 501 12.52 23.77 7.84
C THR A 501 11.19 23.49 7.19
N ARG A 502 10.62 24.48 6.50
CA ARG A 502 9.33 24.24 5.89
C ARG A 502 9.35 24.39 4.40
N GLY A 503 10.53 24.57 3.83
CA GLY A 503 10.63 24.72 2.39
C GLY A 503 10.96 23.43 1.67
N ASN A 504 10.92 23.45 0.35
CA ASN A 504 11.26 22.26 -0.43
C ASN A 504 12.71 22.30 -0.90
N VAL A 505 13.11 21.28 -1.63
CA VAL A 505 14.47 21.21 -2.13
C VAL A 505 14.51 20.95 -3.62
N ARG A 506 15.39 21.64 -4.33
CA ARG A 506 15.54 21.42 -5.77
C ARG A 506 17.02 21.45 -6.09
N SER A 507 17.49 20.55 -6.95
CA SER A 507 18.91 20.54 -7.29
C SER A 507 19.22 21.81 -8.07
N TRP A 508 20.23 22.52 -7.59
CA TRP A 508 20.62 23.76 -8.21
C TRP A 508 21.82 23.58 -9.15
N HIS A 509 22.87 22.94 -8.66
CA HIS A 509 24.05 22.69 -9.48
C HIS A 509 24.91 21.56 -8.91
N ALA A 510 25.48 20.73 -9.79
CA ALA A 510 26.32 19.62 -9.37
C ALA A 510 27.41 19.35 -10.43
N ASP A 511 28.68 19.50 -10.07
CA ASP A 511 29.77 19.27 -11.02
C ASP A 511 30.62 18.05 -10.63
N LYS A 512 30.51 17.00 -11.42
CA LYS A 512 31.23 15.76 -11.20
C LYS A 512 32.73 16.02 -11.12
N GLN A 513 33.18 17.02 -11.88
CA GLN A 513 34.59 17.37 -11.91
C GLN A 513 35.06 18.20 -10.72
N ALA A 514 34.37 19.30 -10.47
CA ALA A 514 34.72 20.18 -9.34
C ALA A 514 34.26 19.60 -8.00
N ASN A 515 33.28 18.70 -8.08
CA ASN A 515 32.72 18.06 -6.90
C ASN A 515 32.15 19.15 -6.02
N LEU A 516 31.42 20.03 -6.66
CA LEU A 516 30.79 21.11 -5.98
C LEU A 516 29.32 20.89 -6.19
N TYR A 517 28.57 21.00 -5.10
CA TYR A 517 27.13 20.77 -5.12
C TYR A 517 26.40 21.95 -4.53
N ALA A 518 25.20 22.21 -5.05
CA ALA A 518 24.36 23.28 -4.55
C ALA A 518 22.90 22.88 -4.67
N PHE A 519 22.07 23.39 -3.77
CA PHE A 519 20.63 23.11 -3.83
C PHE A 519 19.95 24.36 -3.35
N VAL A 520 18.63 24.42 -3.52
CA VAL A 520 17.89 25.60 -3.13
C VAL A 520 16.60 25.27 -2.38
N ARG A 521 16.40 25.93 -1.25
CA ARG A 521 15.20 25.72 -0.42
C ARG A 521 14.27 26.91 -0.63
N THR A 522 13.01 26.64 -0.96
CA THR A 522 12.05 27.72 -1.18
C THR A 522 10.69 27.55 -0.51
N VAL A 523 10.27 28.59 0.20
CA VAL A 523 8.97 28.60 0.84
C VAL A 523 8.44 30.01 0.63
N GLN A 524 7.32 30.09 -0.11
CA GLN A 524 6.72 31.37 -0.45
C GLN A 524 7.76 32.17 -1.22
N ASP A 525 8.08 33.36 -0.73
CA ASP A 525 9.06 34.20 -1.40
C ASP A 525 10.49 33.98 -0.93
N GLN A 526 10.68 33.25 0.15
CA GLN A 526 12.01 33.04 0.67
C GLN A 526 12.84 32.06 -0.11
N HIS A 527 14.08 32.42 -0.38
CA HIS A 527 14.97 31.54 -1.10
C HIS A 527 16.32 31.46 -0.39
N VAL A 528 16.81 30.27 -0.09
CA VAL A 528 18.13 30.16 0.52
C VAL A 528 18.90 29.11 -0.27
N GLY A 529 19.95 29.55 -0.95
CA GLY A 529 20.74 28.62 -1.73
C GLY A 529 21.97 28.20 -0.95
N VAL A 530 22.28 26.91 -0.99
CA VAL A 530 23.42 26.39 -0.26
C VAL A 530 24.46 25.91 -1.24
N VAL A 531 25.67 26.40 -1.12
CA VAL A 531 26.74 25.99 -2.03
C VAL A 531 27.78 25.23 -1.25
N LEU A 532 28.17 24.06 -1.73
CA LEU A 532 29.15 23.24 -1.04
C LEU A 532 30.39 22.93 -1.88
N ASN A 533 31.56 23.38 -1.43
CA ASN A 533 32.81 23.10 -2.15
C ASN A 533 33.58 21.97 -1.46
N ASN A 534 33.27 20.73 -1.85
CA ASN A 534 33.90 19.54 -1.28
C ASN A 534 35.21 19.22 -1.99
N ARG A 535 36.18 20.11 -1.80
CA ARG A 535 37.52 19.97 -2.37
C ARG A 535 38.46 20.80 -1.51
N GLY A 536 39.70 20.33 -1.38
CA GLY A 536 40.68 21.07 -0.58
C GLY A 536 41.43 22.10 -1.40
N GLU A 537 40.76 22.67 -2.40
CA GLU A 537 41.33 23.67 -3.29
C GLU A 537 40.37 24.84 -3.45
N LYS A 538 40.91 26.03 -3.71
CA LYS A 538 40.09 27.20 -3.88
C LYS A 538 39.55 27.20 -5.30
N GLN A 539 38.24 27.37 -5.44
CA GLN A 539 37.63 27.36 -6.75
C GLN A 539 36.54 28.41 -6.85
N THR A 540 36.26 28.85 -8.06
CA THR A 540 35.22 29.84 -8.29
C THR A 540 34.23 29.25 -9.30
N VAL A 541 32.94 29.56 -9.17
CA VAL A 541 31.95 29.02 -10.10
C VAL A 541 30.79 29.96 -10.42
N LEU A 542 30.12 29.70 -11.54
CA LEU A 542 28.97 30.51 -11.97
C LEU A 542 27.65 29.72 -11.90
N LEU A 543 26.79 30.13 -10.97
CA LEU A 543 25.48 29.51 -10.78
C LEU A 543 24.35 30.35 -11.32
N GLN A 544 23.36 29.66 -11.87
CA GLN A 544 22.18 30.26 -12.45
C GLN A 544 21.44 30.89 -11.28
N VAL A 545 20.57 31.84 -11.55
CA VAL A 545 19.87 32.53 -10.48
C VAL A 545 18.39 32.30 -10.59
N PRO A 546 17.90 31.23 -9.93
CA PRO A 546 16.49 30.86 -9.94
C PRO A 546 15.54 32.05 -10.07
N GLU A 547 14.70 31.94 -11.10
CA GLU A 547 13.70 32.94 -11.49
C GLU A 547 12.64 33.28 -10.45
N SER A 548 13.04 33.74 -9.27
CA SER A 548 12.04 34.06 -8.29
C SER A 548 12.44 34.98 -7.14
N GLY A 549 13.67 34.85 -6.66
CA GLY A 549 14.07 35.63 -5.50
C GLY A 549 14.87 36.91 -5.55
N GLY A 550 15.25 37.42 -6.72
CA GLY A 550 16.02 38.65 -6.67
C GLY A 550 17.41 38.67 -7.27
N LYS A 551 18.02 39.86 -7.20
CA LYS A 551 19.35 40.10 -7.72
C LYS A 551 20.35 40.30 -6.56
N THR A 552 19.85 40.21 -5.33
CA THR A 552 20.73 40.38 -4.17
C THR A 552 20.66 39.15 -3.27
N TRP A 553 21.82 38.66 -2.83
CA TRP A 553 21.87 37.49 -1.96
C TRP A 553 22.85 37.74 -0.83
N LEU A 554 22.57 37.15 0.32
CA LEU A 554 23.44 37.34 1.47
C LEU A 554 23.91 36.01 2.05
N ASP A 555 25.19 35.91 2.36
CA ASP A 555 25.73 34.69 2.97
C ASP A 555 25.57 34.83 4.46
N CYS A 556 24.67 34.04 5.03
CA CYS A 556 24.42 34.13 6.46
C CYS A 556 25.57 33.83 7.42
N LEU A 557 26.66 33.29 6.87
CA LEU A 557 27.84 32.99 7.65
C LEU A 557 28.86 34.13 7.59
N THR A 558 28.98 34.76 6.42
CA THR A 558 29.93 35.85 6.21
C THR A 558 29.43 37.28 5.89
N GLY A 559 29.00 37.54 4.65
CA GLY A 559 28.57 38.87 4.27
C GLY A 559 28.17 38.92 2.80
N GLU A 560 27.44 39.96 2.41
CA GLU A 560 26.88 40.16 1.06
C GLU A 560 27.67 39.68 -0.14
N GLU A 561 26.96 39.46 -1.24
CA GLU A 561 27.54 39.00 -2.49
C GLU A 561 26.40 39.09 -3.49
N VAL A 562 26.05 40.33 -3.82
CA VAL A 562 25.00 40.67 -4.79
C VAL A 562 25.62 40.56 -6.18
N HIS A 563 25.69 39.33 -6.68
CA HIS A 563 26.30 39.08 -7.96
C HIS A 563 25.30 38.85 -9.08
N GLY A 564 24.07 39.32 -8.90
CA GLY A 564 23.11 39.10 -9.97
C GLY A 564 23.60 39.86 -11.17
N LYS A 565 24.33 39.17 -12.05
CA LYS A 565 24.87 39.77 -13.27
C LYS A 565 24.30 39.03 -14.46
N GLN A 566 23.30 39.65 -15.08
CA GLN A 566 22.65 39.09 -16.27
C GLN A 566 22.32 37.59 -16.12
N GLY A 567 21.67 37.22 -15.03
CA GLY A 567 21.28 35.82 -14.86
C GLY A 567 22.29 34.85 -14.28
N GLN A 568 23.39 35.36 -13.74
CA GLN A 568 24.43 34.52 -13.19
C GLN A 568 24.93 35.08 -11.86
N LEU A 569 25.75 34.28 -11.16
CA LEU A 569 26.32 34.65 -9.87
C LEU A 569 27.71 34.10 -9.82
N LYS A 570 28.69 34.98 -9.68
CA LYS A 570 30.08 34.55 -9.62
C LYS A 570 30.49 34.39 -8.16
N LEU A 571 30.88 33.17 -7.78
CA LEU A 571 31.26 32.88 -6.40
C LEU A 571 32.62 32.24 -6.29
N THR A 572 33.47 32.78 -5.43
CA THR A 572 34.79 32.21 -5.21
C THR A 572 34.72 31.57 -3.83
N LEU A 573 34.89 30.25 -3.77
CA LEU A 573 34.80 29.56 -2.50
C LEU A 573 36.13 29.01 -2.04
N ARG A 574 36.39 29.18 -0.76
CA ARG A 574 37.62 28.71 -0.15
C ARG A 574 37.54 27.20 0.02
N PRO A 575 38.68 26.54 0.20
CA PRO A 575 38.68 25.09 0.36
C PRO A 575 37.66 24.58 1.39
N TYR A 576 36.84 23.61 0.97
CA TYR A 576 35.86 23.01 1.86
C TYR A 576 34.91 24.03 2.49
N GLN A 577 34.73 25.15 1.81
CA GLN A 577 33.84 26.19 2.31
C GLN A 577 32.42 25.98 1.81
N GLY A 578 31.46 26.48 2.58
CA GLY A 578 30.06 26.36 2.19
C GLY A 578 29.36 27.69 2.36
N MET A 579 28.36 27.99 1.54
CA MET A 579 27.67 29.26 1.69
C MET A 579 26.15 29.11 1.85
N ILE A 580 25.59 29.95 2.70
CA ILE A 580 24.16 29.97 2.95
C ILE A 580 23.69 31.29 2.37
N LEU A 581 23.26 31.23 1.11
CA LEU A 581 22.79 32.38 0.37
C LEU A 581 21.29 32.58 0.55
N TRP A 582 20.94 33.69 1.19
CA TRP A 582 19.57 34.08 1.47
C TRP A 582 19.13 35.24 0.58
N ASN A 583 17.98 35.13 -0.05
CA ASN A 583 17.49 36.18 -0.91
C ASN A 583 16.89 37.37 -0.14
N GLY A 584 16.95 37.32 1.18
CA GLY A 584 16.40 38.39 2.00
C GLY A 584 14.88 38.53 2.19
N ARG A 585 14.09 37.49 1.86
CA ARG A 585 12.63 37.56 2.03
C ARG A 585 12.08 36.58 3.09
N MET B 1 19.20 -5.02 -22.65
CA MET B 1 18.90 -5.05 -21.20
C MET B 1 18.64 -3.62 -20.75
N LEU B 2 17.39 -3.18 -20.89
CA LEU B 2 16.96 -1.83 -20.51
C LEU B 2 16.57 -1.85 -19.04
N LEU B 3 17.47 -1.37 -18.18
CA LEU B 3 17.25 -1.41 -16.75
C LEU B 3 16.09 -0.55 -16.24
N GLU B 4 15.71 0.49 -16.97
CA GLU B 4 14.62 1.33 -16.51
C GLU B 4 13.22 0.74 -16.65
N ALA B 5 13.10 -0.42 -17.27
CA ALA B 5 11.81 -1.07 -17.41
C ALA B 5 11.71 -2.20 -16.39
N ILE B 6 12.78 -2.42 -15.61
CA ILE B 6 12.78 -3.47 -14.59
C ILE B 6 12.12 -2.94 -13.32
N PHE B 7 11.19 -3.73 -12.78
CA PHE B 7 10.47 -3.32 -11.59
C PHE B 7 10.19 -4.39 -10.54
N HIS B 8 10.25 -3.97 -9.29
CA HIS B 8 9.97 -4.85 -8.17
C HIS B 8 9.66 -4.00 -6.95
N GLU B 9 9.05 -4.62 -5.95
CA GLU B 9 8.69 -3.87 -4.77
C GLU B 9 8.53 -4.92 -3.69
N ALA B 10 9.02 -4.67 -2.48
CA ALA B 10 8.88 -5.67 -1.43
C ALA B 10 7.55 -5.50 -0.71
N LYS B 11 6.49 -5.36 -1.51
CA LYS B 11 5.17 -5.17 -0.95
C LYS B 11 4.14 -5.18 -2.06
N GLY B 12 2.89 -4.91 -1.68
CA GLY B 12 1.81 -4.87 -2.64
C GLY B 12 1.63 -6.17 -3.40
N SER B 13 1.59 -6.07 -4.73
CA SER B 13 1.38 -7.21 -5.62
C SER B 13 2.64 -7.86 -6.17
N TYR B 14 3.81 -7.42 -5.71
CA TYR B 14 5.09 -7.95 -6.20
C TYR B 14 5.82 -8.75 -5.12
N ALA B 15 5.32 -8.72 -3.89
CA ALA B 15 5.93 -9.45 -2.78
C ALA B 15 4.89 -9.64 -1.68
N TYR B 16 4.42 -10.85 -1.52
CA TYR B 16 3.41 -11.07 -0.51
C TYR B 16 3.44 -12.48 -0.07
N PRO B 17 3.01 -12.72 1.15
CA PRO B 17 3.03 -14.09 1.65
C PRO B 17 1.89 -14.94 1.09
N ILE B 18 2.15 -16.22 0.87
CA ILE B 18 1.08 -17.09 0.43
C ILE B 18 0.85 -18.03 1.62
N SER B 19 1.74 -17.95 2.60
CA SER B 19 1.63 -18.73 3.82
C SER B 19 2.58 -18.05 4.77
N GLU B 20 2.63 -18.56 5.99
CA GLU B 20 3.52 -17.97 6.97
C GLU B 20 4.99 -18.26 6.72
N THR B 21 5.30 -19.26 5.91
CA THR B 21 6.71 -19.57 5.65
C THR B 21 7.14 -19.55 4.19
N GLN B 22 6.31 -18.96 3.33
CA GLN B 22 6.68 -18.88 1.93
C GLN B 22 6.22 -17.57 1.30
N LEU B 23 7.14 -16.92 0.60
CA LEU B 23 6.88 -15.62 0.01
C LEU B 23 6.87 -15.62 -1.51
N ARG B 24 5.82 -15.06 -2.11
CA ARG B 24 5.76 -15.01 -3.56
C ARG B 24 6.46 -13.72 -3.99
N VAL B 25 7.25 -13.83 -5.06
CA VAL B 25 8.02 -12.70 -5.56
C VAL B 25 7.81 -12.52 -7.06
N ARG B 26 7.48 -11.30 -7.48
CA ARG B 26 7.29 -11.01 -8.91
C ARG B 26 8.22 -9.92 -9.41
N LEU B 27 8.67 -10.04 -10.65
CA LEU B 27 9.56 -9.07 -11.28
C LEU B 27 9.10 -8.79 -12.70
N ARG B 28 9.06 -7.52 -13.05
CA ARG B 28 8.63 -7.07 -14.36
C ARG B 28 9.83 -6.57 -15.16
N ALA B 29 9.89 -6.91 -16.45
CA ALA B 29 11.00 -6.47 -17.28
C ALA B 29 10.50 -6.28 -18.69
N LYS B 30 11.20 -5.46 -19.49
CA LYS B 30 10.82 -5.23 -20.88
C LYS B 30 10.70 -6.57 -21.62
N LYS B 31 9.64 -6.72 -22.40
CA LYS B 31 9.43 -7.97 -23.13
C LYS B 31 10.65 -8.38 -23.99
N GLY B 32 11.16 -9.58 -23.73
CA GLY B 32 12.30 -10.07 -24.46
C GLY B 32 13.64 -9.66 -23.88
N ASP B 33 13.62 -8.85 -22.83
CA ASP B 33 14.85 -8.37 -22.21
C ASP B 33 15.57 -9.34 -21.27
N VAL B 34 14.81 -10.17 -20.58
CA VAL B 34 15.39 -11.10 -19.64
C VAL B 34 15.05 -12.53 -20.03
N VAL B 35 16.05 -13.39 -20.05
CA VAL B 35 15.83 -14.77 -20.43
C VAL B 35 15.99 -15.74 -19.27
N ARG B 36 16.51 -15.27 -18.15
CA ARG B 36 16.69 -16.14 -16.98
C ARG B 36 16.71 -15.24 -15.76
N CYS B 37 15.89 -15.56 -14.77
CA CYS B 37 15.79 -14.75 -13.58
C CYS B 37 15.96 -15.63 -12.33
N GLU B 38 16.91 -15.30 -11.48
CA GLU B 38 17.14 -16.05 -10.25
C GLU B 38 16.98 -15.13 -9.07
N VAL B 39 16.56 -15.70 -7.95
CA VAL B 39 16.38 -14.94 -6.72
C VAL B 39 17.20 -15.63 -5.64
N LEU B 40 18.16 -14.92 -5.07
CA LEU B 40 18.99 -15.47 -4.01
C LEU B 40 18.54 -14.82 -2.72
N TYR B 41 18.23 -15.65 -1.74
CA TYR B 41 17.75 -15.16 -0.47
C TYR B 41 18.26 -15.92 0.74
N ALA B 42 17.95 -15.38 1.91
CA ALA B 42 18.37 -15.96 3.17
C ALA B 42 17.65 -15.20 4.28
N ASP B 43 17.82 -15.66 5.51
CA ASP B 43 17.20 -14.99 6.64
C ASP B 43 17.79 -13.59 6.76
N ARG B 44 17.03 -12.63 7.29
CA ARG B 44 17.53 -11.28 7.41
C ARG B 44 18.77 -11.19 8.28
N TYR B 45 18.84 -12.07 9.27
CA TYR B 45 19.96 -12.07 10.19
C TYR B 45 21.01 -13.12 9.87
N ALA B 46 21.01 -13.62 8.64
CA ALA B 46 21.97 -14.63 8.23
C ALA B 46 23.35 -14.03 8.25
N SER B 47 24.29 -14.85 8.70
CA SER B 47 25.67 -14.41 8.75
C SER B 47 26.22 -14.28 7.35
N PRO B 48 27.17 -13.37 7.16
CA PRO B 48 27.80 -13.13 5.87
C PRO B 48 28.49 -14.38 5.35
N GLU B 49 29.22 -15.06 6.24
CA GLU B 49 29.92 -16.25 5.86
C GLU B 49 29.09 -17.52 5.63
N GLU B 50 27.84 -17.36 5.18
CA GLU B 50 27.02 -18.53 4.88
C GLU B 50 26.38 -18.37 3.49
N GLU B 51 26.37 -19.44 2.69
CA GLU B 51 25.81 -19.35 1.34
C GLU B 51 24.29 -19.12 1.33
N LEU B 52 23.83 -18.36 0.32
CA LEU B 52 22.42 -18.03 0.11
C LEU B 52 21.66 -19.13 -0.62
N ALA B 53 20.33 -19.03 -0.63
CA ALA B 53 19.46 -20.00 -1.30
C ALA B 53 19.10 -19.50 -2.71
N HIS B 54 18.91 -20.42 -3.66
CA HIS B 54 18.56 -20.04 -5.02
C HIS B 54 17.15 -20.52 -5.32
N ALA B 55 16.42 -19.71 -6.08
CA ALA B 55 15.07 -20.05 -6.45
C ALA B 55 14.94 -19.54 -7.85
N LEU B 56 14.64 -20.40 -8.80
CA LEU B 56 14.53 -19.94 -10.15
C LEU B 56 13.11 -19.43 -10.38
N ALA B 57 13.01 -18.24 -10.97
CA ALA B 57 11.72 -17.64 -11.23
C ALA B 57 11.30 -17.88 -12.67
N GLY B 58 10.33 -18.77 -12.87
CA GLY B 58 9.88 -19.01 -14.22
C GLY B 58 9.02 -17.85 -14.72
N LYS B 59 8.90 -17.70 -16.02
CA LYS B 59 8.11 -16.63 -16.61
C LYS B 59 6.61 -16.93 -16.46
N ALA B 60 5.90 -16.07 -15.77
CA ALA B 60 4.47 -16.28 -15.58
C ALA B 60 3.67 -15.86 -16.80
N GLY B 61 4.29 -15.12 -17.71
CA GLY B 61 3.58 -14.70 -18.90
C GLY B 61 4.05 -13.34 -19.34
N SER B 62 3.31 -12.69 -20.21
CA SER B 62 3.71 -11.35 -20.63
C SER B 62 2.54 -10.61 -21.24
N ASP B 63 2.63 -9.29 -21.27
CA ASP B 63 1.53 -8.51 -21.81
C ASP B 63 1.98 -7.64 -22.96
N GLU B 64 1.25 -6.54 -23.15
CA GLU B 64 1.55 -5.63 -24.22
C GLU B 64 3.06 -5.32 -24.30
N ARG B 65 3.68 -4.97 -23.17
CA ARG B 65 5.09 -4.62 -23.23
C ARG B 65 6.06 -5.32 -22.28
N PHE B 66 5.55 -5.99 -21.26
CA PHE B 66 6.42 -6.63 -20.27
C PHE B 66 6.27 -8.14 -20.12
N ASP B 67 7.31 -8.75 -19.59
CA ASP B 67 7.32 -10.18 -19.29
C ASP B 67 7.23 -10.21 -17.78
N TYR B 68 6.70 -11.29 -17.23
CA TYR B 68 6.62 -11.35 -15.78
C TYR B 68 7.20 -12.64 -15.29
N PHE B 69 8.12 -12.52 -14.33
CA PHE B 69 8.75 -13.68 -13.75
C PHE B 69 8.19 -13.82 -12.35
N GLU B 70 7.99 -15.06 -11.94
CA GLU B 70 7.40 -15.30 -10.66
C GLU B 70 8.20 -16.33 -9.87
N ALA B 71 8.40 -16.09 -8.58
CA ALA B 71 9.13 -17.04 -7.76
C ALA B 71 8.48 -17.26 -6.40
N LEU B 72 8.88 -18.36 -5.77
CA LEU B 72 8.38 -18.73 -4.46
C LEU B 72 9.55 -18.98 -3.52
N LEU B 73 9.73 -18.13 -2.52
CA LEU B 73 10.82 -18.26 -1.56
C LEU B 73 10.37 -18.97 -0.29
N GLU B 74 11.16 -19.95 0.13
CA GLU B 74 10.89 -20.70 1.37
C GLU B 74 11.58 -19.96 2.49
N CYS B 75 10.82 -19.45 3.44
CA CYS B 75 11.39 -18.68 4.54
C CYS B 75 11.01 -19.26 5.88
N SER B 76 11.75 -20.30 6.30
CA SER B 76 11.47 -20.95 7.58
C SER B 76 11.63 -20.03 8.79
N THR B 77 12.41 -18.96 8.63
CA THR B 77 12.66 -17.97 9.69
C THR B 77 11.59 -16.89 9.78
N LYS B 78 10.64 -16.94 8.84
CA LYS B 78 9.54 -15.97 8.70
C LYS B 78 10.01 -14.57 8.31
N ARG B 79 11.31 -14.44 8.04
CA ARG B 79 11.93 -13.18 7.65
C ARG B 79 12.71 -13.51 6.39
N VAL B 80 12.85 -12.59 5.45
CA VAL B 80 13.65 -12.93 4.26
C VAL B 80 14.24 -11.74 3.53
N LYS B 81 15.50 -11.86 3.15
CA LYS B 81 16.17 -10.81 2.38
C LYS B 81 16.55 -11.48 1.05
N TYR B 82 16.48 -10.74 -0.05
CA TYR B 82 16.78 -11.36 -1.33
C TYR B 82 17.32 -10.44 -2.42
N VAL B 83 17.97 -11.06 -3.42
CA VAL B 83 18.52 -10.31 -4.53
C VAL B 83 18.25 -11.06 -5.82
N PHE B 84 18.01 -10.32 -6.89
CA PHE B 84 17.73 -10.90 -8.20
C PHE B 84 18.97 -11.02 -9.07
N LEU B 85 19.01 -12.10 -9.86
CA LEU B 85 20.11 -12.32 -10.80
C LEU B 85 19.47 -12.37 -12.18
N LEU B 86 19.82 -11.40 -13.02
CA LEU B 86 19.27 -11.29 -14.39
C LEU B 86 20.23 -11.60 -15.56
N THR B 87 19.80 -12.47 -16.46
CA THR B 87 20.60 -12.88 -17.62
C THR B 87 19.97 -12.45 -18.96
N GLY B 88 20.75 -11.76 -19.79
CA GLY B 88 20.25 -11.30 -21.09
C GLY B 88 20.45 -12.23 -22.27
N PRO B 89 19.99 -11.85 -23.47
CA PRO B 89 20.15 -12.68 -24.67
C PRO B 89 21.62 -12.88 -25.01
N GLN B 90 22.40 -11.85 -24.71
CA GLN B 90 23.81 -11.86 -24.97
C GLN B 90 24.60 -12.38 -23.80
N GLY B 91 23.91 -13.02 -22.85
CA GLY B 91 24.61 -13.58 -21.72
C GLY B 91 25.00 -12.57 -20.66
N GLU B 92 24.45 -11.36 -20.75
CA GLU B 92 24.72 -10.31 -19.77
C GLU B 92 24.12 -10.72 -18.43
N ALA B 93 24.92 -10.54 -17.38
CA ALA B 93 24.53 -10.86 -16.02
C ALA B 93 24.55 -9.61 -15.12
N VAL B 94 23.40 -9.30 -14.51
CA VAL B 94 23.26 -8.16 -13.61
C VAL B 94 22.52 -8.46 -12.30
N TYR B 95 22.98 -7.87 -11.21
CA TYR B 95 22.28 -8.06 -9.93
C TYR B 95 21.30 -6.91 -9.70
N PHE B 96 20.15 -7.24 -9.16
CA PHE B 96 19.15 -6.22 -8.91
C PHE B 96 18.69 -6.26 -7.46
N GLY B 97 18.87 -5.16 -6.76
CA GLY B 97 18.46 -5.12 -5.37
C GLY B 97 17.89 -3.79 -4.96
N GLU B 98 17.69 -3.62 -3.66
CA GLU B 98 17.14 -2.38 -3.15
C GLU B 98 18.07 -1.22 -3.51
N THR B 99 19.38 -1.43 -3.42
CA THR B 99 20.32 -0.36 -3.75
C THR B 99 20.31 0.01 -5.23
N GLY B 100 20.28 -1.01 -6.10
CA GLY B 100 20.25 -0.75 -7.53
C GLY B 100 20.79 -1.87 -8.39
N PHE B 101 21.27 -1.54 -9.59
CA PHE B 101 21.79 -2.57 -10.47
C PHE B 101 23.29 -2.55 -10.32
N SER B 102 23.90 -3.71 -10.46
CA SER B 102 25.33 -3.84 -10.35
C SER B 102 25.80 -5.18 -10.92
N ALA B 103 27.08 -5.26 -11.22
CA ALA B 103 27.66 -6.48 -11.74
C ALA B 103 28.05 -7.31 -10.52
N GLU B 104 28.19 -6.68 -9.36
CA GLU B 104 28.54 -7.39 -8.15
C GLU B 104 27.35 -7.51 -7.21
N ARG B 105 27.09 -8.75 -6.80
CA ARG B 105 25.99 -9.03 -5.90
C ARG B 105 26.03 -8.10 -4.70
N SER B 106 27.24 -7.78 -4.26
CA SER B 106 27.47 -6.90 -3.12
C SER B 106 26.98 -5.49 -3.29
N LYS B 107 27.22 -4.89 -4.45
CA LYS B 107 26.82 -3.52 -4.70
C LYS B 107 25.35 -3.36 -5.07
N ALA B 108 24.67 -4.45 -5.42
CA ALA B 108 23.28 -4.30 -5.81
C ALA B 108 22.38 -4.09 -4.62
N GLY B 109 22.87 -4.47 -3.44
CA GLY B 109 22.08 -4.33 -2.24
C GLY B 109 21.15 -5.52 -2.10
N VAL B 110 20.12 -5.35 -1.29
CA VAL B 110 19.16 -6.42 -1.02
C VAL B 110 17.73 -5.90 -0.67
N PHE B 111 16.71 -6.57 -1.19
CA PHE B 111 15.32 -6.22 -0.85
C PHE B 111 15.04 -7.00 0.41
N GLN B 112 14.09 -6.53 1.21
CA GLN B 112 13.75 -7.21 2.45
C GLN B 112 12.28 -7.23 2.77
N TYR B 113 11.80 -8.38 3.23
CA TYR B 113 10.41 -8.52 3.68
C TYR B 113 10.67 -8.70 5.15
N ALA B 114 10.62 -7.62 5.92
CA ALA B 114 10.96 -7.68 7.35
C ALA B 114 10.54 -8.93 8.11
N TYR B 115 9.24 -9.21 8.16
CA TYR B 115 8.71 -10.40 8.85
C TYR B 115 7.32 -10.74 8.32
N ILE B 116 7.00 -12.03 8.30
CA ILE B 116 5.70 -12.49 7.81
C ILE B 116 4.79 -12.82 8.96
N HIS B 117 3.75 -12.02 9.12
CA HIS B 117 2.81 -12.27 10.20
C HIS B 117 1.64 -13.12 9.75
N ARG B 118 1.30 -14.08 10.61
CA ARG B 118 0.21 -14.99 10.33
C ARG B 118 -1.06 -14.23 10.00
N SER B 119 -1.40 -13.26 10.85
CA SER B 119 -2.61 -12.48 10.65
C SER B 119 -2.63 -11.65 9.38
N GLU B 120 -1.51 -11.61 8.68
CA GLU B 120 -1.46 -10.83 7.45
C GLU B 120 -1.46 -11.63 6.15
N VAL B 121 -1.67 -12.93 6.25
CA VAL B 121 -1.70 -13.71 5.02
C VAL B 121 -3.09 -13.68 4.45
N PHE B 122 -3.19 -13.16 3.23
CA PHE B 122 -4.45 -13.01 2.51
C PHE B 122 -5.25 -14.33 2.48
N THR B 123 -6.39 -14.33 3.15
CA THR B 123 -7.24 -15.52 3.24
C THR B 123 -8.66 -15.34 2.73
N THR B 124 -9.05 -16.22 1.83
CA THR B 124 -10.34 -16.15 1.24
C THR B 124 -11.13 -17.40 1.54
N PRO B 125 -12.45 -17.27 1.71
CA PRO B 125 -13.27 -18.44 1.99
C PRO B 125 -13.13 -19.44 0.86
N GLU B 126 -12.89 -20.68 1.25
CA GLU B 126 -12.73 -21.78 0.33
C GLU B 126 -13.85 -21.90 -0.67
N TRP B 127 -15.09 -21.86 -0.19
CA TRP B 127 -16.23 -22.03 -1.10
C TRP B 127 -16.27 -21.00 -2.20
N ALA B 128 -15.76 -19.82 -1.91
CA ALA B 128 -15.76 -18.75 -2.88
C ALA B 128 -14.91 -19.08 -4.10
N LYS B 129 -13.86 -19.87 -3.91
CA LYS B 129 -12.98 -20.21 -5.01
C LYS B 129 -13.67 -21.02 -6.09
N GLU B 130 -14.56 -21.93 -5.68
CA GLU B 130 -15.24 -22.78 -6.65
C GLU B 130 -16.74 -22.59 -6.73
N ALA B 131 -17.16 -21.35 -6.49
CA ALA B 131 -18.56 -21.02 -6.54
C ALA B 131 -18.94 -20.57 -7.92
N VAL B 132 -20.25 -20.52 -8.16
CA VAL B 132 -20.83 -20.05 -9.41
C VAL B 132 -21.95 -19.20 -8.90
N ILE B 133 -21.84 -17.90 -9.13
CA ILE B 133 -22.83 -16.94 -8.66
C ILE B 133 -23.82 -16.57 -9.73
N TYR B 134 -25.07 -16.40 -9.32
CA TYR B 134 -26.19 -16.05 -10.20
C TYR B 134 -26.74 -14.69 -9.76
N GLN B 135 -26.65 -13.67 -10.61
CA GLN B 135 -27.19 -12.37 -10.22
C GLN B 135 -28.69 -12.30 -10.45
N ILE B 136 -29.44 -11.94 -9.42
CA ILE B 136 -30.88 -11.85 -9.53
C ILE B 136 -31.41 -10.43 -9.29
N PHE B 137 -32.24 -9.95 -10.20
CA PHE B 137 -32.86 -8.64 -10.07
C PHE B 137 -34.25 -9.03 -9.53
N PRO B 138 -34.46 -8.91 -8.20
CA PRO B 138 -35.72 -9.26 -7.52
C PRO B 138 -37.03 -8.84 -8.20
N GLU B 139 -37.08 -7.60 -8.68
CA GLU B 139 -38.25 -7.05 -9.34
C GLU B 139 -38.63 -7.82 -10.62
N ARG B 140 -37.64 -8.34 -11.33
CA ARG B 140 -37.92 -9.06 -12.58
C ARG B 140 -37.60 -10.56 -12.64
N PHE B 141 -37.37 -11.21 -11.50
CA PHE B 141 -37.07 -12.64 -11.56
C PHE B 141 -38.25 -13.60 -11.41
N ALA B 142 -39.02 -13.48 -10.34
CA ALA B 142 -40.18 -14.34 -10.12
C ALA B 142 -41.13 -13.76 -9.09
N ASN B 143 -42.38 -13.62 -9.49
CA ASN B 143 -43.41 -13.07 -8.62
C ASN B 143 -44.20 -14.19 -7.94
N GLY B 144 -43.87 -14.48 -6.67
CA GLY B 144 -44.58 -15.54 -5.97
C GLY B 144 -45.83 -15.12 -5.21
N ASP B 145 -45.87 -13.86 -4.83
CA ASP B 145 -47.01 -13.33 -4.11
C ASP B 145 -47.46 -12.04 -4.79
N PRO B 146 -48.62 -12.10 -5.47
CA PRO B 146 -49.26 -10.99 -6.20
C PRO B 146 -49.82 -9.89 -5.30
N SER B 147 -50.10 -10.24 -4.05
CA SER B 147 -50.67 -9.29 -3.10
C SER B 147 -49.73 -8.17 -2.64
N ASN B 148 -48.45 -8.23 -3.00
CA ASN B 148 -47.49 -7.17 -2.63
C ASN B 148 -47.20 -6.26 -3.81
N ASP B 149 -47.52 -6.78 -4.99
CA ASP B 149 -47.29 -6.05 -6.23
C ASP B 149 -47.76 -4.62 -6.15
N PRO B 150 -46.88 -3.68 -6.48
CA PRO B 150 -47.22 -2.26 -6.45
C PRO B 150 -48.24 -1.95 -7.55
N PRO B 151 -49.00 -0.86 -7.38
CA PRO B 151 -50.00 -0.45 -8.37
C PRO B 151 -49.42 -0.14 -9.76
N GLY B 152 -49.96 -0.77 -10.81
CA GLY B 152 -49.45 -0.49 -12.15
C GLY B 152 -48.62 -1.61 -12.73
N THR B 153 -48.66 -2.77 -12.09
CA THR B 153 -47.91 -3.93 -12.55
C THR B 153 -48.38 -4.35 -13.95
N GLU B 154 -47.47 -4.40 -14.91
CA GLU B 154 -47.80 -4.81 -16.27
C GLU B 154 -47.82 -6.33 -16.29
N GLN B 155 -48.12 -6.93 -17.44
CA GLN B 155 -48.17 -8.38 -17.51
C GLN B 155 -46.83 -9.06 -17.72
N TRP B 156 -46.68 -10.24 -17.13
CA TRP B 156 -45.46 -11.01 -17.26
C TRP B 156 -45.53 -11.80 -18.56
N ALA B 157 -44.99 -11.21 -19.62
CA ALA B 157 -44.98 -11.82 -20.96
C ALA B 157 -43.58 -11.83 -21.56
N LYS B 158 -43.36 -12.71 -22.53
CA LYS B 158 -42.07 -12.85 -23.20
C LYS B 158 -41.70 -11.71 -24.14
N ASP B 159 -42.72 -11.10 -24.73
CA ASP B 159 -42.53 -10.00 -25.69
C ASP B 159 -42.60 -8.61 -25.05
N ALA B 160 -42.50 -8.56 -23.73
CA ALA B 160 -42.56 -7.30 -23.02
C ALA B 160 -41.27 -6.51 -23.20
N ARG B 161 -41.40 -5.19 -23.36
CA ARG B 161 -40.23 -4.34 -23.53
C ARG B 161 -40.27 -3.28 -22.41
N PRO B 162 -39.60 -3.57 -21.28
CA PRO B 162 -39.47 -2.76 -20.06
C PRO B 162 -39.20 -1.27 -20.21
N ARG B 163 -39.86 -0.50 -19.35
CA ARG B 163 -39.69 0.94 -19.31
C ARG B 163 -39.03 1.29 -17.98
N HIS B 164 -38.48 2.50 -17.91
CA HIS B 164 -37.83 2.99 -16.70
C HIS B 164 -38.73 2.89 -15.46
N ASP B 165 -40.04 2.95 -15.66
CA ASP B 165 -40.99 2.90 -14.55
C ASP B 165 -41.89 1.65 -14.50
N SER B 166 -41.54 0.62 -15.26
CA SER B 166 -42.32 -0.63 -15.28
C SER B 166 -42.20 -1.41 -13.97
N PHE B 167 -43.09 -2.39 -13.79
CA PHE B 167 -43.10 -3.23 -12.61
C PHE B 167 -43.76 -4.56 -13.00
N TYR B 168 -43.26 -5.66 -12.44
CA TYR B 168 -43.82 -6.97 -12.73
C TYR B 168 -44.15 -7.73 -11.46
N GLY B 169 -43.94 -7.09 -10.33
CA GLY B 169 -44.27 -7.69 -9.04
C GLY B 169 -43.35 -8.81 -8.59
N GLY B 170 -42.15 -8.84 -9.16
CA GLY B 170 -41.17 -9.85 -8.81
C GLY B 170 -40.74 -9.70 -7.37
N ASP B 171 -40.76 -10.82 -6.64
CA ASP B 171 -40.42 -10.82 -5.22
C ASP B 171 -39.70 -12.08 -4.73
N LEU B 172 -39.30 -12.04 -3.47
CA LEU B 172 -38.59 -13.14 -2.84
C LEU B 172 -39.39 -14.43 -2.80
N LYS B 173 -40.65 -14.33 -2.40
CA LYS B 173 -41.48 -15.52 -2.34
C LYS B 173 -41.30 -16.21 -3.71
N GLY B 174 -41.10 -15.40 -4.74
CA GLY B 174 -40.90 -15.93 -6.08
C GLY B 174 -39.61 -16.71 -6.26
N VAL B 175 -38.52 -16.17 -5.73
CA VAL B 175 -37.24 -16.83 -5.87
C VAL B 175 -37.31 -18.20 -5.25
N ILE B 176 -37.97 -18.30 -4.11
CA ILE B 176 -38.10 -19.58 -3.46
C ILE B 176 -38.75 -20.57 -4.42
N ASP B 177 -39.74 -20.14 -5.18
CA ASP B 177 -40.41 -21.05 -6.10
C ASP B 177 -39.54 -21.60 -7.21
N ARG B 178 -38.48 -20.90 -7.56
CA ARG B 178 -37.60 -21.37 -8.63
C ARG B 178 -36.28 -21.98 -8.16
N LEU B 179 -36.09 -22.10 -6.85
CA LEU B 179 -34.83 -22.67 -6.38
C LEU B 179 -34.48 -24.00 -7.09
N PRO B 180 -35.46 -24.89 -7.33
CA PRO B 180 -35.09 -26.14 -8.01
C PRO B 180 -34.40 -25.87 -9.34
N TYR B 181 -34.87 -24.86 -10.06
CA TYR B 181 -34.32 -24.48 -11.35
C TYR B 181 -32.88 -24.07 -11.18
N LEU B 182 -32.63 -23.24 -10.17
CA LEU B 182 -31.27 -22.79 -9.89
C LEU B 182 -30.37 -23.94 -9.45
N GLU B 183 -30.93 -24.84 -8.65
CA GLU B 183 -30.17 -25.97 -8.18
C GLU B 183 -29.79 -26.84 -9.35
N GLU B 184 -30.73 -27.04 -10.26
CA GLU B 184 -30.48 -27.85 -11.43
C GLU B 184 -29.35 -27.24 -12.24
N LEU B 185 -29.32 -25.91 -12.33
CA LEU B 185 -28.26 -25.23 -13.07
C LEU B 185 -26.90 -25.53 -12.45
N GLY B 186 -26.83 -25.42 -11.13
CA GLY B 186 -25.58 -25.69 -10.46
C GLY B 186 -24.90 -24.49 -9.83
N VAL B 187 -25.67 -23.45 -9.56
CA VAL B 187 -25.10 -22.26 -8.94
C VAL B 187 -24.90 -22.56 -7.48
N THR B 188 -23.86 -21.99 -6.89
CA THR B 188 -23.58 -22.25 -5.49
C THR B 188 -23.94 -21.06 -4.63
N ALA B 189 -24.31 -19.96 -5.27
CA ALA B 189 -24.68 -18.78 -4.52
C ALA B 189 -25.44 -17.79 -5.39
N LEU B 190 -26.28 -17.00 -4.72
CA LEU B 190 -27.12 -16.00 -5.38
C LEU B 190 -26.83 -14.59 -4.90
N TYR B 191 -26.72 -13.67 -5.85
CA TYR B 191 -26.42 -12.29 -5.54
C TYR B 191 -27.66 -11.41 -5.78
N PHE B 192 -28.15 -10.73 -4.75
CA PHE B 192 -29.31 -9.85 -4.92
C PHE B 192 -28.94 -8.37 -4.88
N THR B 193 -29.47 -7.59 -5.82
CA THR B 193 -29.25 -6.14 -5.84
C THR B 193 -29.93 -5.58 -4.58
N PRO B 194 -29.84 -4.26 -4.31
CA PRO B 194 -30.50 -3.78 -3.09
C PRO B 194 -31.94 -4.25 -2.87
N ILE B 195 -32.24 -4.75 -1.68
CA ILE B 195 -33.58 -5.20 -1.39
C ILE B 195 -34.05 -4.70 -0.03
N PHE B 196 -33.80 -3.44 0.24
CA PHE B 196 -34.20 -2.90 1.51
C PHE B 196 -35.23 -1.82 1.31
N ALA B 197 -35.97 -1.52 2.36
CA ALA B 197 -37.00 -0.49 2.29
C ALA B 197 -36.48 0.75 1.54
N SER B 198 -37.13 1.07 0.42
CA SER B 198 -36.77 2.23 -0.38
C SER B 198 -38.01 2.68 -1.15
N PRO B 199 -38.24 4.00 -1.20
CA PRO B 199 -39.38 4.63 -1.88
C PRO B 199 -39.21 4.66 -3.40
N SER B 200 -38.05 4.27 -3.89
CA SER B 200 -37.80 4.30 -5.32
C SER B 200 -37.88 2.95 -6.01
N HIS B 201 -37.82 2.97 -7.33
CA HIS B 201 -37.89 1.76 -8.14
C HIS B 201 -36.65 0.93 -7.84
N HIS B 202 -35.51 1.63 -7.72
CA HIS B 202 -34.22 1.03 -7.38
C HIS B 202 -34.02 1.28 -5.89
N LYS B 203 -33.72 0.26 -5.12
CA LYS B 203 -33.56 0.49 -3.70
C LYS B 203 -32.16 0.94 -3.31
N TYR B 204 -31.67 1.97 -3.98
CA TYR B 204 -30.32 2.46 -3.69
C TYR B 204 -30.29 3.62 -2.70
N ASP B 205 -31.45 4.19 -2.42
CA ASP B 205 -31.55 5.27 -1.46
C ASP B 205 -32.30 4.62 -0.29
N THR B 206 -31.57 3.88 0.51
CA THR B 206 -32.13 3.17 1.64
C THR B 206 -32.92 4.03 2.59
N ALA B 207 -34.12 3.56 2.95
CA ALA B 207 -35.00 4.25 3.90
C ALA B 207 -34.82 3.64 5.28
N ASP B 208 -34.65 2.32 5.29
CA ASP B 208 -34.45 1.55 6.50
C ASP B 208 -33.62 0.29 6.16
N TYR B 209 -32.40 0.24 6.70
CA TYR B 209 -31.48 -0.88 6.48
C TYR B 209 -31.88 -2.08 7.30
N LEU B 210 -32.87 -1.95 8.19
CA LEU B 210 -33.27 -3.08 9.00
C LEU B 210 -34.62 -3.65 8.61
N ALA B 211 -34.97 -3.50 7.34
CA ALA B 211 -36.24 -4.01 6.84
C ALA B 211 -36.23 -4.23 5.34
N ILE B 212 -36.71 -5.40 4.93
CA ILE B 212 -36.79 -5.76 3.53
C ILE B 212 -37.90 -4.94 2.92
N ASP B 213 -37.70 -4.47 1.70
CA ASP B 213 -38.75 -3.68 1.05
C ASP B 213 -39.96 -4.57 0.89
N PRO B 214 -41.12 -4.14 1.40
CA PRO B 214 -42.37 -4.91 1.31
C PRO B 214 -42.72 -5.36 -0.10
N GLN B 215 -42.22 -4.62 -1.08
CA GLN B 215 -42.49 -4.93 -2.48
C GLN B 215 -41.94 -6.31 -2.87
N PHE B 216 -40.93 -6.74 -2.12
CA PHE B 216 -40.29 -8.04 -2.33
C PHE B 216 -40.70 -9.06 -1.28
N GLY B 217 -41.04 -8.60 -0.08
CA GLY B 217 -41.45 -9.52 0.96
C GLY B 217 -41.25 -8.99 2.36
N ASP B 218 -41.10 -9.90 3.31
CA ASP B 218 -40.90 -9.48 4.69
C ASP B 218 -39.81 -10.29 5.37
N LEU B 219 -39.52 -9.98 6.62
CA LEU B 219 -38.46 -10.68 7.30
C LEU B 219 -38.69 -12.19 7.34
N PRO B 220 -39.86 -12.63 7.82
CA PRO B 220 -40.16 -14.07 7.91
C PRO B 220 -39.95 -14.79 6.57
N THR B 221 -40.34 -14.11 5.49
CA THR B 221 -40.21 -14.66 4.14
C THR B 221 -38.76 -14.78 3.74
N PHE B 222 -37.98 -13.76 4.08
CA PHE B 222 -36.58 -13.74 3.76
C PHE B 222 -35.87 -14.91 4.41
N ARG B 223 -36.11 -15.12 5.70
CA ARG B 223 -35.48 -16.21 6.42
C ARG B 223 -35.78 -17.55 5.73
N ARG B 224 -37.01 -17.75 5.25
CA ARG B 224 -37.36 -18.98 4.56
C ARG B 224 -36.49 -19.19 3.32
N LEU B 225 -36.25 -18.10 2.59
CA LEU B 225 -35.42 -18.12 1.38
C LEU B 225 -34.05 -18.55 1.82
N VAL B 226 -33.58 -17.91 2.87
CA VAL B 226 -32.27 -18.26 3.38
C VAL B 226 -32.22 -19.74 3.73
N ASP B 227 -33.19 -20.23 4.50
CA ASP B 227 -33.18 -21.64 4.88
C ASP B 227 -33.32 -22.53 3.65
N GLU B 228 -34.22 -22.17 2.75
CA GLU B 228 -34.43 -22.96 1.56
C GLU B 228 -33.21 -23.01 0.65
N ALA B 229 -32.50 -21.90 0.51
CA ALA B 229 -31.33 -21.88 -0.34
C ALA B 229 -30.18 -22.68 0.25
N HIS B 230 -29.99 -22.51 1.55
CA HIS B 230 -28.92 -23.19 2.24
C HIS B 230 -28.97 -24.69 2.16
N ARG B 231 -30.13 -25.27 2.47
CA ARG B 231 -30.28 -26.72 2.43
C ARG B 231 -30.08 -27.26 1.02
N ARG B 232 -30.23 -26.40 0.02
CA ARG B 232 -30.02 -26.84 -1.33
C ARG B 232 -28.57 -26.59 -1.73
N GLY B 233 -27.80 -26.10 -0.77
CA GLY B 233 -26.39 -25.84 -1.00
C GLY B 233 -26.11 -24.58 -1.76
N ILE B 234 -27.00 -23.60 -1.64
CA ILE B 234 -26.81 -22.33 -2.33
C ILE B 234 -26.70 -21.23 -1.30
N LYS B 235 -25.68 -20.40 -1.44
CA LYS B 235 -25.45 -19.28 -0.52
C LYS B 235 -26.07 -17.99 -1.01
N ILE B 236 -26.13 -17.00 -0.13
CA ILE B 236 -26.73 -15.71 -0.42
C ILE B 236 -25.87 -14.47 -0.21
N ILE B 237 -25.68 -13.71 -1.28
CA ILE B 237 -24.90 -12.50 -1.19
C ILE B 237 -25.80 -11.27 -1.42
N LEU B 238 -25.81 -10.39 -0.42
CA LEU B 238 -26.62 -9.18 -0.48
C LEU B 238 -25.79 -7.97 -0.85
N ASP B 239 -26.42 -7.10 -1.62
CA ASP B 239 -25.81 -5.87 -2.10
C ASP B 239 -26.12 -4.75 -1.11
N ALA B 240 -25.12 -4.23 -0.41
CA ALA B 240 -25.36 -3.16 0.56
C ALA B 240 -24.74 -1.82 0.18
N VAL B 241 -25.51 -0.74 0.27
CA VAL B 241 -25.00 0.58 -0.07
C VAL B 241 -24.67 1.40 1.19
N PHE B 242 -23.40 1.38 1.61
CA PHE B 242 -22.99 2.11 2.80
C PHE B 242 -22.43 3.50 2.59
N ASN B 243 -22.29 3.94 1.34
CA ASN B 243 -21.75 5.28 1.11
C ASN B 243 -22.77 6.37 1.40
N HIS B 244 -24.02 6.12 1.02
CA HIS B 244 -25.11 7.07 1.20
C HIS B 244 -26.43 6.38 1.48
N ALA B 245 -27.31 7.10 2.17
CA ALA B 245 -28.62 6.58 2.51
C ALA B 245 -29.68 7.32 1.71
N GLY B 246 -30.95 7.02 1.99
CA GLY B 246 -32.06 7.66 1.30
C GLY B 246 -32.56 8.89 2.03
N ASP B 247 -33.18 9.81 1.29
CA ASP B 247 -33.68 11.04 1.87
C ASP B 247 -34.73 10.74 2.92
N GLN B 248 -35.13 9.48 2.96
CA GLN B 248 -36.11 9.03 3.94
C GLN B 248 -35.45 8.47 5.21
N PHE B 249 -34.13 8.28 5.19
CA PHE B 249 -33.41 7.72 6.36
C PHE B 249 -33.81 8.36 7.70
N PHE B 250 -34.21 7.52 8.65
CA PHE B 250 -34.67 7.98 9.95
C PHE B 250 -33.84 9.14 10.50
N ALA B 251 -32.52 8.99 10.49
CA ALA B 251 -31.61 10.04 10.97
C ALA B 251 -31.64 11.33 10.13
N PHE B 252 -31.79 11.19 8.81
CA PHE B 252 -31.81 12.36 7.94
C PHE B 252 -33.09 13.17 8.12
N ARG B 253 -34.17 12.50 8.50
CA ARG B 253 -35.46 13.17 8.69
C ARG B 253 -35.24 14.24 9.75
N ASP B 254 -34.51 13.84 10.79
CA ASP B 254 -34.22 14.71 11.91
C ASP B 254 -33.47 15.94 11.45
N VAL B 255 -32.56 15.77 10.49
CA VAL B 255 -31.77 16.90 9.99
C VAL B 255 -32.65 17.93 9.29
N LEU B 256 -33.67 17.49 8.57
CA LEU B 256 -34.53 18.47 7.94
C LEU B 256 -35.48 19.07 8.96
N GLN B 257 -35.79 18.31 10.01
CA GLN B 257 -36.71 18.78 11.04
C GLN B 257 -36.06 19.42 12.27
N LYS B 258 -34.74 19.36 12.39
CA LYS B 258 -34.12 19.96 13.57
C LYS B 258 -32.84 20.76 13.32
N GLY B 259 -32.38 20.78 12.06
CA GLY B 259 -31.18 21.52 11.72
C GLY B 259 -30.10 21.41 12.79
N GLU B 260 -29.43 22.53 13.05
CA GLU B 260 -28.35 22.57 14.03
C GLU B 260 -28.58 21.81 15.34
N GLN B 261 -29.82 21.77 15.83
CA GLN B 261 -30.12 21.09 17.11
C GLN B 261 -30.33 19.58 16.98
N SER B 262 -30.18 19.09 15.75
CA SER B 262 -30.33 17.67 15.44
C SER B 262 -29.16 16.85 15.95
N ARG B 263 -29.44 15.71 16.58
CA ARG B 263 -28.38 14.87 17.11
C ARG B 263 -27.60 14.15 16.03
N TYR B 264 -28.13 14.20 14.81
CA TYR B 264 -27.49 13.53 13.70
C TYR B 264 -26.90 14.43 12.62
N LYS B 265 -26.62 15.70 12.93
CA LYS B 265 -26.07 16.60 11.91
C LYS B 265 -24.65 16.22 11.53
N ASP B 266 -23.93 15.62 12.47
CA ASP B 266 -22.56 15.23 12.21
C ASP B 266 -22.46 13.93 11.41
N TRP B 267 -23.61 13.30 11.15
CA TRP B 267 -23.70 12.06 10.38
C TRP B 267 -23.68 12.28 8.88
N PHE B 268 -23.73 13.55 8.47
CA PHE B 268 -23.73 13.92 7.05
C PHE B 268 -22.73 15.06 6.79
N PHE B 269 -22.67 15.50 5.54
CA PHE B 269 -21.79 16.58 5.13
C PHE B 269 -22.64 17.81 4.77
N ILE B 270 -23.13 18.51 5.80
CA ILE B 270 -23.97 19.69 5.60
C ILE B 270 -23.11 20.93 5.38
N GLU B 271 -23.40 21.64 4.29
CA GLU B 271 -22.66 22.86 3.97
C GLU B 271 -22.99 23.79 5.13
N ASP B 272 -24.12 24.46 4.97
CA ASP B 272 -24.74 25.41 5.91
C ASP B 272 -26.24 25.11 5.85
N PHE B 273 -26.95 24.95 6.97
CA PHE B 273 -28.39 24.73 6.75
C PHE B 273 -28.89 26.14 6.31
N PRO B 274 -30.20 26.43 6.45
CA PRO B 274 -31.28 25.57 6.93
C PRO B 274 -31.33 24.52 5.80
N VAL B 275 -31.03 23.25 6.06
CA VAL B 275 -30.97 22.28 4.95
C VAL B 275 -32.18 22.21 4.01
N SER B 276 -31.85 22.32 2.71
CA SER B 276 -32.83 22.28 1.63
C SER B 276 -32.89 20.85 1.14
N LYS B 277 -33.81 20.57 0.20
CA LYS B 277 -33.97 19.21 -0.31
C LYS B 277 -34.49 19.20 -1.75
N THR B 278 -34.93 20.36 -2.24
CA THR B 278 -35.46 20.48 -3.60
C THR B 278 -34.52 19.89 -4.66
N SER B 279 -33.47 20.64 -5.00
CA SER B 279 -32.49 20.21 -5.99
C SER B 279 -31.23 21.02 -5.73
N ARG B 280 -31.39 22.13 -5.03
CA ARG B 280 -30.26 23.00 -4.67
C ARG B 280 -29.63 22.28 -3.49
N THR B 281 -28.72 21.37 -3.80
CA THR B 281 -28.06 20.60 -2.76
C THR B 281 -27.12 21.46 -1.93
N ASN B 282 -27.29 21.36 -0.61
CA ASN B 282 -26.48 22.08 0.36
C ASN B 282 -25.80 21.10 1.34
N TYR B 283 -25.75 19.83 0.92
CA TYR B 283 -25.13 18.77 1.70
C TYR B 283 -24.54 17.78 0.67
N GLU B 284 -23.50 17.03 1.04
CA GLU B 284 -22.89 16.09 0.10
C GLU B 284 -23.82 14.95 -0.28
N THR B 285 -23.83 14.62 -1.57
CA THR B 285 -24.70 13.58 -2.06
C THR B 285 -23.94 12.65 -2.98
N PHE B 286 -24.60 11.56 -3.39
CA PHE B 286 -24.03 10.55 -4.27
C PHE B 286 -23.14 11.09 -5.39
N ALA B 287 -23.73 11.47 -6.51
CA ALA B 287 -22.88 11.93 -7.60
C ALA B 287 -22.66 13.43 -7.59
N VAL B 288 -23.49 14.16 -8.34
CA VAL B 288 -23.39 15.63 -8.45
C VAL B 288 -24.46 16.26 -7.56
N GLN B 289 -25.69 16.34 -8.08
CA GLN B 289 -26.78 16.86 -7.25
C GLN B 289 -27.87 15.81 -7.14
N VAL B 290 -27.78 15.00 -6.09
CA VAL B 290 -28.76 13.94 -5.90
C VAL B 290 -29.35 14.08 -4.50
N PRO B 291 -30.37 14.94 -4.36
CA PRO B 291 -31.04 15.19 -3.07
C PRO B 291 -31.53 13.95 -2.31
N ALA B 292 -31.87 12.90 -3.06
CA ALA B 292 -32.36 11.65 -2.49
C ALA B 292 -31.26 10.66 -2.06
N MET B 293 -30.00 11.05 -2.26
CA MET B 293 -28.86 10.22 -1.88
C MET B 293 -27.84 10.99 -1.04
N PRO B 294 -28.20 11.31 0.22
CA PRO B 294 -27.31 12.04 1.10
C PRO B 294 -26.13 11.15 1.48
N LYS B 295 -24.90 11.68 1.37
CA LYS B 295 -23.71 10.91 1.70
C LYS B 295 -23.56 10.77 3.19
N LEU B 296 -23.37 9.52 3.63
CA LEU B 296 -23.18 9.18 5.03
C LEU B 296 -21.71 9.38 5.37
N ARG B 297 -21.44 9.84 6.59
CA ARG B 297 -20.08 10.09 7.06
C ARG B 297 -19.56 8.88 7.82
N THR B 298 -19.02 7.91 7.07
CA THR B 298 -18.46 6.68 7.66
C THR B 298 -17.31 6.98 8.61
N GLU B 299 -16.70 8.15 8.44
CA GLU B 299 -15.58 8.57 9.28
C GLU B 299 -16.07 8.82 10.71
N ASN B 300 -17.37 9.11 10.84
CA ASN B 300 -18.02 9.37 12.13
C ASN B 300 -18.20 8.07 12.90
N PRO B 301 -17.66 7.97 14.11
CA PRO B 301 -17.78 6.75 14.90
C PRO B 301 -19.22 6.29 15.14
N GLU B 302 -20.13 7.24 15.22
CA GLU B 302 -21.53 6.92 15.45
C GLU B 302 -22.16 6.25 14.23
N VAL B 303 -21.82 6.76 13.05
CA VAL B 303 -22.30 6.24 11.78
C VAL B 303 -21.69 4.88 11.51
N LYS B 304 -20.44 4.70 11.95
CA LYS B 304 -19.75 3.43 11.76
C LYS B 304 -20.40 2.41 12.69
N GLU B 305 -20.50 2.77 13.97
CA GLU B 305 -21.11 1.87 14.95
C GLU B 305 -22.49 1.41 14.52
N TYR B 306 -23.30 2.35 14.05
CA TYR B 306 -24.64 2.04 13.60
C TYR B 306 -24.60 1.11 12.40
N LEU B 307 -23.95 1.52 11.33
CA LEU B 307 -23.87 0.70 10.11
C LEU B 307 -23.37 -0.71 10.43
N PHE B 308 -22.47 -0.80 11.40
CA PHE B 308 -21.94 -2.09 11.81
C PHE B 308 -23.01 -2.98 12.44
N ASP B 309 -23.94 -2.37 13.17
CA ASP B 309 -25.02 -3.14 13.78
C ASP B 309 -25.94 -3.70 12.69
N VAL B 310 -26.17 -2.91 11.64
CA VAL B 310 -27.01 -3.33 10.51
C VAL B 310 -26.46 -4.61 9.92
N ALA B 311 -25.15 -4.61 9.71
CA ALA B 311 -24.49 -5.78 9.17
C ALA B 311 -24.71 -6.95 10.15
N ARG B 312 -24.55 -6.71 11.45
CA ARG B 312 -24.76 -7.80 12.41
C ARG B 312 -26.13 -8.45 12.22
N PHE B 313 -27.16 -7.62 12.13
CA PHE B 313 -28.54 -8.06 11.97
C PHE B 313 -28.75 -9.06 10.86
N TRP B 314 -28.27 -8.69 9.67
CA TRP B 314 -28.39 -9.55 8.52
C TRP B 314 -27.48 -10.77 8.61
N MET B 315 -26.37 -10.64 9.31
CA MET B 315 -25.44 -11.77 9.43
C MET B 315 -26.13 -12.88 10.23
N GLU B 316 -26.89 -12.45 11.24
CA GLU B 316 -27.65 -13.31 12.16
C GLU B 316 -28.87 -13.94 11.48
N GLN B 317 -29.27 -13.35 10.37
CA GLN B 317 -30.37 -13.89 9.60
C GLN B 317 -29.85 -15.01 8.74
N GLY B 318 -28.52 -15.12 8.65
CA GLY B 318 -27.92 -16.21 7.88
C GLY B 318 -27.24 -15.95 6.54
N ILE B 319 -27.18 -14.70 6.10
CA ILE B 319 -26.54 -14.38 4.83
C ILE B 319 -25.07 -14.81 4.87
N ASP B 320 -24.46 -14.99 3.69
CA ASP B 320 -23.08 -15.44 3.61
C ASP B 320 -22.05 -14.42 3.11
N GLY B 321 -22.48 -13.22 2.74
CA GLY B 321 -21.53 -12.24 2.26
C GLY B 321 -22.22 -10.98 1.77
N TRP B 322 -21.41 -9.97 1.46
CA TRP B 322 -21.94 -8.69 1.00
C TRP B 322 -21.26 -8.24 -0.29
N ARG B 323 -21.97 -7.41 -1.04
CA ARG B 323 -21.42 -6.81 -2.23
C ARG B 323 -21.54 -5.34 -1.90
N LEU B 324 -20.39 -4.66 -1.78
CA LEU B 324 -20.38 -3.26 -1.40
C LEU B 324 -20.43 -2.29 -2.58
N ASN B 325 -21.55 -1.58 -2.68
CA ASN B 325 -21.70 -0.63 -3.77
C ASN B 325 -20.98 0.68 -3.49
N VAL B 326 -20.37 1.22 -4.54
CA VAL B 326 -19.64 2.47 -4.44
C VAL B 326 -18.68 2.37 -3.26
N ALA B 327 -18.09 1.19 -3.07
CA ALA B 327 -17.19 0.97 -1.92
C ALA B 327 -15.99 1.89 -1.89
N ASN B 328 -15.38 2.10 -3.05
CA ASN B 328 -14.19 2.93 -3.13
C ASN B 328 -14.34 4.36 -2.63
N GLU B 329 -15.56 4.73 -2.18
CA GLU B 329 -15.80 6.08 -1.68
C GLU B 329 -15.93 6.19 -0.16
N VAL B 330 -15.64 5.11 0.55
CA VAL B 330 -15.69 5.14 2.00
C VAL B 330 -14.26 4.90 2.47
N ASP B 331 -13.90 5.52 3.58
CA ASP B 331 -12.55 5.43 4.14
C ASP B 331 -12.09 4.00 4.41
N HIS B 332 -10.82 3.73 4.14
CA HIS B 332 -10.27 2.40 4.32
C HIS B 332 -10.46 1.89 5.75
N ALA B 333 -10.22 2.76 6.72
CA ALA B 333 -10.36 2.38 8.12
C ALA B 333 -11.67 1.62 8.33
N PHE B 334 -12.72 2.10 7.69
CA PHE B 334 -14.05 1.49 7.77
C PHE B 334 -14.03 0.02 7.38
N TRP B 335 -13.49 -0.25 6.20
CA TRP B 335 -13.41 -1.58 5.64
C TRP B 335 -12.45 -2.43 6.45
N ARG B 336 -11.36 -1.81 6.87
CA ARG B 336 -10.38 -2.51 7.65
C ARG B 336 -11.09 -3.11 8.87
N GLU B 337 -11.89 -2.31 9.56
CA GLU B 337 -12.65 -2.75 10.75
C GLU B 337 -13.92 -3.53 10.44
N PHE B 338 -14.50 -3.24 9.28
CA PHE B 338 -15.69 -3.93 8.82
C PHE B 338 -15.33 -5.41 8.67
N ARG B 339 -14.23 -5.67 7.96
CA ARG B 339 -13.74 -7.03 7.69
C ARG B 339 -13.56 -7.82 8.96
N ARG B 340 -12.91 -7.22 9.95
CA ARG B 340 -12.68 -7.89 11.22
C ARG B 340 -14.00 -8.35 11.84
N LEU B 341 -14.99 -7.46 11.81
CA LEU B 341 -16.32 -7.76 12.36
C LEU B 341 -16.96 -8.92 11.62
N VAL B 342 -17.23 -8.68 10.34
CA VAL B 342 -17.85 -9.67 9.47
C VAL B 342 -17.19 -11.03 9.62
N LYS B 343 -15.87 -11.07 9.49
CA LYS B 343 -15.11 -12.31 9.62
C LYS B 343 -15.32 -12.94 11.00
N SER B 344 -15.45 -12.12 12.04
CA SER B 344 -15.67 -12.64 13.38
C SER B 344 -17.03 -13.30 13.53
N LEU B 345 -18.03 -12.79 12.84
CA LEU B 345 -19.36 -13.36 12.90
C LEU B 345 -19.46 -14.63 12.08
N ASN B 346 -18.72 -14.65 10.98
CA ASN B 346 -18.71 -15.79 10.09
C ASN B 346 -17.43 -15.80 9.28
N PRO B 347 -16.45 -16.62 9.71
CA PRO B 347 -15.20 -16.66 8.97
C PRO B 347 -15.37 -16.98 7.48
N ASP B 348 -16.48 -17.60 7.13
CA ASP B 348 -16.70 -17.96 5.73
C ASP B 348 -17.47 -16.93 4.94
N ALA B 349 -17.63 -15.75 5.51
CA ALA B 349 -18.35 -14.68 4.84
C ALA B 349 -17.50 -14.04 3.75
N LEU B 350 -18.07 -13.92 2.56
CA LEU B 350 -17.36 -13.33 1.42
C LEU B 350 -17.66 -11.84 1.27
N ILE B 351 -16.62 -11.06 1.05
CA ILE B 351 -16.76 -9.63 0.93
C ILE B 351 -16.30 -9.13 -0.43
N VAL B 352 -17.20 -8.57 -1.22
CA VAL B 352 -16.85 -8.07 -2.54
C VAL B 352 -17.15 -6.58 -2.69
N GLY B 353 -16.15 -5.80 -3.11
CA GLY B 353 -16.40 -4.38 -3.28
C GLY B 353 -16.62 -4.05 -4.74
N GLU B 354 -17.30 -2.93 -4.99
CA GLU B 354 -17.57 -2.52 -6.36
C GLU B 354 -16.67 -1.34 -6.68
N ILE B 355 -15.69 -1.58 -7.54
CA ILE B 355 -14.75 -0.53 -7.93
C ILE B 355 -14.47 -0.65 -9.44
N TRP B 356 -14.81 0.39 -10.18
CA TRP B 356 -14.65 0.41 -11.64
C TRP B 356 -13.28 0.95 -12.06
N HIS B 357 -12.26 0.64 -11.28
CA HIS B 357 -10.91 1.07 -11.58
C HIS B 357 -9.93 0.26 -10.73
N ASP B 358 -8.63 0.47 -10.96
CA ASP B 358 -7.61 -0.27 -10.23
C ASP B 358 -7.90 -0.32 -8.73
N ALA B 359 -8.24 -1.50 -8.24
CA ALA B 359 -8.58 -1.65 -6.84
C ALA B 359 -7.47 -2.27 -6.01
N SER B 360 -6.28 -2.30 -6.56
CA SER B 360 -5.16 -2.91 -5.86
C SER B 360 -5.08 -2.48 -4.41
N GLY B 361 -5.39 -1.23 -4.12
CA GLY B 361 -5.29 -0.77 -2.75
C GLY B 361 -6.24 -1.42 -1.79
N TRP B 362 -7.27 -2.09 -2.30
CA TRP B 362 -8.26 -2.75 -1.43
C TRP B 362 -8.08 -4.25 -1.41
N LEU B 363 -7.16 -4.75 -2.24
CA LEU B 363 -6.90 -6.18 -2.36
C LEU B 363 -5.58 -6.62 -1.77
N MET B 364 -5.29 -6.10 -0.60
CA MET B 364 -4.09 -6.45 0.13
C MET B 364 -4.43 -7.54 1.15
N GLY B 365 -5.70 -7.87 1.30
CA GLY B 365 -6.07 -8.89 2.26
C GLY B 365 -6.56 -8.34 3.59
N ASP B 366 -6.49 -7.02 3.77
CA ASP B 366 -6.95 -6.45 5.02
C ASP B 366 -8.33 -5.80 4.86
N GLN B 367 -8.83 -5.70 3.62
CA GLN B 367 -10.14 -5.13 3.42
C GLN B 367 -11.14 -6.01 2.67
N PHE B 368 -11.14 -5.97 1.35
CA PHE B 368 -12.10 -6.78 0.59
C PHE B 368 -11.52 -8.13 0.18
N ASP B 369 -12.37 -9.13 0.01
CA ASP B 369 -11.88 -10.44 -0.38
C ASP B 369 -11.67 -10.41 -1.89
N SER B 370 -12.42 -9.56 -2.58
CA SER B 370 -12.29 -9.48 -4.02
C SER B 370 -13.18 -8.39 -4.60
N VAL B 371 -13.12 -8.23 -5.92
CA VAL B 371 -13.91 -7.22 -6.60
C VAL B 371 -14.42 -7.71 -7.95
N MET B 372 -15.23 -6.88 -8.58
CA MET B 372 -15.81 -7.16 -9.89
C MET B 372 -14.72 -6.97 -10.94
N ASN B 373 -14.35 -8.02 -11.67
CA ASN B 373 -13.31 -7.88 -12.69
C ASN B 373 -13.89 -7.20 -13.91
N TYR B 374 -14.02 -5.88 -13.81
CA TYR B 374 -14.58 -5.03 -14.87
C TYR B 374 -13.67 -5.09 -16.07
N LEU B 375 -12.42 -5.45 -15.82
CA LEU B 375 -11.47 -5.55 -16.90
C LEU B 375 -11.75 -6.78 -17.75
N PHE B 376 -12.27 -7.83 -17.11
CA PHE B 376 -12.57 -9.09 -17.80
C PHE B 376 -13.59 -8.90 -18.92
N ARG B 377 -14.66 -8.18 -18.62
CA ARG B 377 -15.71 -7.94 -19.58
C ARG B 377 -15.20 -7.21 -20.80
N GLU B 378 -14.57 -6.06 -20.56
CA GLU B 378 -14.04 -5.26 -21.64
C GLU B 378 -13.18 -6.09 -22.57
N SER B 379 -12.52 -7.09 -22.02
CA SER B 379 -11.69 -7.96 -22.83
C SER B 379 -12.54 -8.99 -23.63
N VAL B 380 -13.56 -9.57 -22.99
CA VAL B 380 -14.38 -10.56 -23.70
C VAL B 380 -15.24 -9.95 -24.79
N ILE B 381 -15.76 -8.75 -24.55
CA ILE B 381 -16.58 -8.10 -25.56
C ILE B 381 -15.73 -7.78 -26.76
N ARG B 382 -14.64 -7.06 -26.53
CA ARG B 382 -13.75 -6.69 -27.62
C ARG B 382 -13.27 -7.91 -28.36
N PHE B 383 -13.07 -9.03 -27.67
CA PHE B 383 -12.61 -10.25 -28.34
C PHE B 383 -13.67 -11.17 -28.96
N PHE B 384 -14.71 -11.51 -28.21
CA PHE B 384 -15.76 -12.41 -28.71
C PHE B 384 -16.91 -11.73 -29.48
N ALA B 385 -17.38 -10.60 -28.93
CA ALA B 385 -18.49 -9.82 -29.47
C ALA B 385 -18.21 -8.92 -30.70
N THR B 386 -17.47 -7.84 -30.48
CA THR B 386 -17.17 -6.89 -31.56
C THR B 386 -16.01 -7.33 -32.45
N GLY B 387 -15.05 -8.06 -31.89
CA GLY B 387 -13.94 -8.50 -32.72
C GLY B 387 -12.95 -7.37 -32.97
N GLU B 388 -12.94 -6.39 -32.06
CA GLU B 388 -12.02 -5.25 -32.18
C GLU B 388 -10.58 -5.67 -31.92
N ILE B 389 -10.38 -6.78 -31.22
CA ILE B 389 -9.04 -7.23 -30.90
C ILE B 389 -8.88 -8.71 -31.19
N HIS B 390 -7.64 -9.13 -31.43
CA HIS B 390 -7.39 -10.53 -31.72
C HIS B 390 -6.90 -11.28 -30.50
N ALA B 391 -6.62 -12.56 -30.71
CA ALA B 391 -6.16 -13.42 -29.63
C ALA B 391 -4.93 -12.89 -28.91
N GLU B 392 -3.97 -12.35 -29.66
CA GLU B 392 -2.76 -11.84 -29.02
C GLU B 392 -3.04 -10.66 -28.09
N ARG B 393 -3.83 -9.70 -28.55
CA ARG B 393 -4.16 -8.58 -27.70
C ARG B 393 -4.94 -9.15 -26.52
N PHE B 394 -5.81 -10.13 -26.80
CA PHE B 394 -6.62 -10.75 -25.76
C PHE B 394 -5.65 -11.29 -24.70
N ASP B 395 -4.61 -11.99 -25.16
CA ASP B 395 -3.62 -12.58 -24.28
C ASP B 395 -2.96 -11.55 -23.37
N ALA B 396 -2.52 -10.45 -23.97
CA ALA B 396 -1.89 -9.36 -23.24
C ALA B 396 -2.83 -8.71 -22.23
N GLU B 397 -4.01 -8.33 -22.69
CA GLU B 397 -4.99 -7.69 -21.82
C GLU B 397 -5.33 -8.60 -20.66
N LEU B 398 -5.42 -9.89 -20.95
CA LEU B 398 -5.76 -10.86 -19.93
C LEU B 398 -4.63 -10.97 -18.89
N THR B 399 -3.38 -11.13 -19.32
CA THR B 399 -2.27 -11.25 -18.39
C THR B 399 -2.07 -10.01 -17.54
N ARG B 400 -2.08 -8.85 -18.19
CA ARG B 400 -1.89 -7.59 -17.49
C ARG B 400 -2.82 -7.45 -16.29
N ALA B 401 -4.09 -7.80 -16.50
CA ALA B 401 -5.11 -7.75 -15.48
C ALA B 401 -4.77 -8.69 -14.34
N ARG B 402 -4.31 -9.87 -14.69
CA ARG B 402 -4.00 -10.86 -13.70
C ARG B 402 -2.91 -10.43 -12.72
N MET B 403 -1.92 -9.70 -13.21
CA MET B 403 -0.82 -9.26 -12.37
C MET B 403 -1.14 -8.02 -11.53
N LEU B 404 -2.35 -7.50 -11.61
CA LEU B 404 -2.63 -6.32 -10.85
C LEU B 404 -2.73 -6.54 -9.36
N TYR B 405 -3.27 -7.68 -8.95
CA TYR B 405 -3.43 -7.92 -7.53
C TYR B 405 -2.78 -9.23 -7.14
N PRO B 406 -2.78 -9.55 -5.86
CA PRO B 406 -2.18 -10.82 -5.48
C PRO B 406 -3.03 -11.97 -6.02
N GLU B 407 -2.37 -13.07 -6.34
CA GLU B 407 -3.04 -14.25 -6.86
C GLU B 407 -4.27 -14.64 -6.04
N GLN B 408 -4.25 -14.38 -4.74
CA GLN B 408 -5.38 -14.72 -3.90
C GLN B 408 -6.60 -13.97 -4.36
N ALA B 409 -6.42 -12.76 -4.86
CA ALA B 409 -7.57 -11.99 -5.29
C ALA B 409 -8.02 -12.40 -6.70
N ALA B 410 -7.04 -12.62 -7.56
CA ALA B 410 -7.26 -13.02 -8.93
C ALA B 410 -8.07 -14.28 -8.92
N GLN B 411 -7.92 -15.03 -7.86
CA GLN B 411 -8.61 -16.30 -7.72
C GLN B 411 -10.10 -16.17 -7.44
N GLY B 412 -10.51 -15.07 -6.83
CA GLY B 412 -11.92 -14.91 -6.48
C GLY B 412 -12.66 -13.75 -7.11
N LEU B 413 -12.03 -13.11 -8.08
CA LEU B 413 -12.62 -11.97 -8.79
C LEU B 413 -13.86 -12.44 -9.51
N TRP B 414 -14.91 -11.63 -9.45
CA TRP B 414 -16.16 -11.91 -10.10
C TRP B 414 -16.07 -11.54 -11.57
N ASN B 415 -16.04 -12.55 -12.42
CA ASN B 415 -15.97 -12.35 -13.86
C ASN B 415 -17.36 -12.31 -14.46
N LEU B 416 -17.86 -11.12 -14.79
CA LEU B 416 -19.20 -11.04 -15.36
C LEU B 416 -19.15 -10.74 -16.84
N LEU B 417 -20.19 -11.15 -17.56
CA LEU B 417 -20.27 -10.92 -18.99
C LEU B 417 -21.16 -9.73 -19.27
N ASP B 418 -22.09 -9.51 -18.36
CA ASP B 418 -23.00 -8.41 -18.52
C ASP B 418 -23.62 -8.15 -17.17
N SER B 419 -24.51 -7.17 -17.10
CA SER B 419 -25.13 -6.79 -15.85
C SER B 419 -26.43 -6.04 -16.13
N HIS B 420 -27.15 -5.68 -15.07
CA HIS B 420 -28.40 -4.95 -15.22
C HIS B 420 -28.22 -3.54 -15.76
N ASP B 421 -26.96 -3.12 -15.93
CA ASP B 421 -26.67 -1.79 -16.45
C ASP B 421 -26.07 -1.85 -17.85
N THR B 422 -25.81 -3.06 -18.32
CA THR B 422 -25.25 -3.24 -19.66
C THR B 422 -26.20 -4.12 -20.48
N GLU B 423 -26.00 -4.14 -21.79
CA GLU B 423 -26.85 -4.96 -22.66
C GLU B 423 -26.44 -6.41 -22.43
N ARG B 424 -27.29 -7.33 -22.83
CA ARG B 424 -26.95 -8.74 -22.69
C ARG B 424 -25.87 -9.09 -23.70
N PHE B 425 -24.93 -9.92 -23.27
CA PHE B 425 -23.80 -10.32 -24.11
C PHE B 425 -24.26 -10.85 -25.45
N LEU B 426 -25.39 -11.54 -25.47
CA LEU B 426 -25.94 -12.11 -26.70
C LEU B 426 -26.17 -11.00 -27.73
N THR B 427 -26.67 -9.86 -27.27
CA THR B 427 -26.92 -8.72 -28.14
C THR B 427 -25.64 -8.11 -28.70
N SER B 428 -24.59 -8.10 -27.88
CA SER B 428 -23.32 -7.55 -28.30
C SER B 428 -22.79 -8.42 -29.43
N CYS B 429 -23.22 -9.68 -29.47
CA CYS B 429 -22.80 -10.60 -30.50
C CYS B 429 -23.75 -10.56 -31.67
N GLY B 430 -24.73 -9.67 -31.60
CA GLY B 430 -25.68 -9.55 -32.70
C GLY B 430 -26.52 -10.80 -32.88
N GLY B 431 -26.81 -11.48 -31.78
CA GLY B 431 -27.62 -12.69 -31.86
C GLY B 431 -26.86 -13.92 -32.32
N ASN B 432 -25.55 -13.80 -32.56
CA ASN B 432 -24.75 -14.95 -33.00
C ASN B 432 -24.53 -15.87 -31.81
N GLU B 433 -25.33 -16.93 -31.72
CA GLU B 433 -25.21 -17.84 -30.60
C GLU B 433 -23.85 -18.52 -30.58
N ALA B 434 -23.24 -18.69 -31.75
CA ALA B 434 -21.95 -19.35 -31.85
C ALA B 434 -20.87 -18.56 -31.10
N LYS B 435 -20.92 -17.24 -31.21
CA LYS B 435 -19.96 -16.36 -30.57
C LYS B 435 -20.20 -16.31 -29.06
N PHE B 436 -21.48 -16.31 -28.67
CA PHE B 436 -21.92 -16.26 -27.29
C PHE B 436 -21.50 -17.52 -26.55
N ARG B 437 -21.80 -18.68 -27.12
CA ARG B 437 -21.41 -19.89 -26.44
C ARG B 437 -19.91 -19.89 -26.23
N LEU B 438 -19.14 -19.44 -27.21
CA LEU B 438 -17.67 -19.47 -27.08
C LEU B 438 -17.21 -18.67 -25.91
N ALA B 439 -17.90 -17.56 -25.69
CA ALA B 439 -17.59 -16.66 -24.60
C ALA B 439 -17.88 -17.26 -23.23
N VAL B 440 -19.01 -17.92 -23.07
CA VAL B 440 -19.31 -18.51 -21.78
C VAL B 440 -18.36 -19.66 -21.53
N LEU B 441 -17.95 -20.34 -22.60
CA LEU B 441 -17.03 -21.46 -22.43
C LEU B 441 -15.79 -20.94 -21.72
N PHE B 442 -15.31 -19.77 -22.17
CA PHE B 442 -14.15 -19.11 -21.58
C PHE B 442 -14.41 -18.79 -20.12
N GLN B 443 -15.52 -18.10 -19.88
CA GLN B 443 -15.94 -17.73 -18.54
C GLN B 443 -15.91 -18.90 -17.56
N MET B 444 -16.46 -20.02 -17.95
CA MET B 444 -16.51 -21.12 -17.02
C MET B 444 -15.20 -21.85 -16.82
N THR B 445 -14.19 -21.58 -17.63
CA THR B 445 -12.94 -22.29 -17.50
C THR B 445 -11.72 -21.45 -17.15
N TYR B 446 -11.89 -20.14 -17.12
CA TYR B 446 -10.79 -19.24 -16.81
C TYR B 446 -10.67 -18.96 -15.33
N LEU B 447 -9.61 -18.26 -14.97
CA LEU B 447 -9.33 -17.88 -13.59
C LEU B 447 -10.31 -16.81 -13.09
N GLY B 448 -10.97 -17.10 -11.98
CA GLY B 448 -11.92 -16.16 -11.40
C GLY B 448 -13.23 -16.87 -11.18
N THR B 449 -14.20 -16.19 -10.58
CA THR B 449 -15.50 -16.81 -10.33
C THR B 449 -16.55 -16.28 -11.32
N PRO B 450 -17.20 -17.21 -12.07
CA PRO B 450 -18.23 -16.94 -13.07
C PRO B 450 -19.46 -16.31 -12.47
N LEU B 451 -19.97 -15.28 -13.12
CA LEU B 451 -21.18 -14.59 -12.67
C LEU B 451 -22.20 -14.63 -13.80
N ILE B 452 -23.34 -15.24 -13.49
CA ILE B 452 -24.42 -15.41 -14.43
C ILE B 452 -25.52 -14.40 -14.19
N TYR B 453 -25.85 -13.66 -15.24
CA TYR B 453 -26.92 -12.65 -15.18
C TYR B 453 -28.22 -13.39 -15.45
N TYR B 454 -29.18 -13.24 -14.54
CA TYR B 454 -30.44 -13.95 -14.67
C TYR B 454 -31.00 -13.91 -16.09
N GLY B 455 -31.24 -15.10 -16.62
CA GLY B 455 -31.81 -15.21 -17.94
C GLY B 455 -30.84 -15.52 -19.06
N ASP B 456 -29.56 -15.22 -18.87
CA ASP B 456 -28.61 -15.50 -19.93
C ASP B 456 -28.48 -17.01 -20.20
N GLU B 457 -28.84 -17.86 -19.23
CA GLU B 457 -28.73 -19.30 -19.44
C GLU B 457 -29.77 -19.76 -20.44
N ILE B 458 -30.89 -19.07 -20.48
CA ILE B 458 -31.94 -19.49 -21.39
C ILE B 458 -31.98 -18.70 -22.69
N GLY B 459 -30.93 -17.90 -22.91
CA GLY B 459 -30.83 -17.12 -24.13
C GLY B 459 -31.57 -15.81 -24.29
N MET B 460 -31.89 -15.14 -23.19
CA MET B 460 -32.58 -13.86 -23.30
C MET B 460 -31.67 -12.88 -23.95
N ALA B 461 -32.26 -11.91 -24.61
CA ALA B 461 -31.50 -10.87 -25.27
C ALA B 461 -32.13 -9.54 -24.94
N GLY B 462 -31.49 -8.47 -25.40
CA GLY B 462 -31.99 -7.13 -25.16
C GLY B 462 -30.90 -6.07 -25.19
N ALA B 463 -31.33 -4.82 -25.27
CA ALA B 463 -30.40 -3.67 -25.30
C ALA B 463 -30.10 -3.27 -23.86
N THR B 464 -29.43 -2.14 -23.67
CA THR B 464 -29.10 -1.68 -22.33
C THR B 464 -30.34 -1.26 -21.54
N ASP B 465 -30.13 -0.85 -20.29
CA ASP B 465 -31.22 -0.40 -19.40
C ASP B 465 -32.27 0.37 -20.20
N PRO B 466 -33.57 0.04 -19.99
CA PRO B 466 -34.10 -1.04 -19.16
C PRO B 466 -34.43 -2.32 -19.93
N ASP B 467 -33.93 -2.44 -21.15
CA ASP B 467 -34.20 -3.61 -21.96
C ASP B 467 -33.44 -4.87 -21.51
N CYS B 468 -32.46 -4.72 -20.63
CA CYS B 468 -31.68 -5.87 -20.16
C CYS B 468 -32.30 -6.50 -18.93
N ARG B 469 -33.30 -5.82 -18.39
CA ARG B 469 -33.98 -6.29 -17.19
C ARG B 469 -35.40 -6.76 -17.48
N ARG B 470 -35.57 -7.43 -18.63
CA ARG B 470 -36.87 -7.96 -19.02
C ARG B 470 -37.25 -9.14 -18.14
N PRO B 471 -38.53 -9.25 -17.79
CA PRO B 471 -39.00 -10.36 -16.95
C PRO B 471 -38.47 -11.72 -17.43
N MET B 472 -38.11 -12.56 -16.46
CA MET B 472 -37.59 -13.88 -16.71
C MET B 472 -38.58 -14.78 -17.47
N ILE B 473 -38.14 -15.33 -18.60
CA ILE B 473 -38.95 -16.23 -19.40
C ILE B 473 -39.03 -17.60 -18.72
N TRP B 474 -40.23 -18.04 -18.36
CA TRP B 474 -40.40 -19.34 -17.69
C TRP B 474 -41.08 -20.43 -18.53
N GLU B 475 -41.60 -20.05 -19.69
CA GLU B 475 -42.26 -21.02 -20.57
C GLU B 475 -41.21 -21.77 -21.40
N GLU B 476 -41.05 -23.05 -21.05
CA GLU B 476 -40.08 -23.92 -21.70
C GLU B 476 -40.15 -23.78 -23.22
N LYS B 477 -41.34 -23.44 -23.71
CA LYS B 477 -41.57 -23.28 -25.14
C LYS B 477 -40.67 -22.19 -25.71
N GLU B 478 -40.53 -21.09 -24.97
CA GLU B 478 -39.71 -19.97 -25.42
C GLU B 478 -38.27 -19.95 -24.89
N GLN B 479 -37.87 -20.96 -24.12
CA GLN B 479 -36.53 -20.98 -23.56
C GLN B 479 -35.57 -21.67 -24.52
N ASN B 480 -34.36 -21.13 -24.61
CA ASN B 480 -33.37 -21.72 -25.48
C ASN B 480 -32.83 -22.91 -24.69
N ARG B 481 -33.50 -24.05 -24.80
CA ARG B 481 -33.08 -25.22 -24.06
C ARG B 481 -31.65 -25.60 -24.41
N GLY B 482 -31.25 -25.19 -25.61
CA GLY B 482 -29.91 -25.47 -26.10
C GLY B 482 -28.82 -24.95 -25.19
N LEU B 483 -28.94 -23.69 -24.77
CA LEU B 483 -27.98 -23.04 -23.89
C LEU B 483 -27.99 -23.61 -22.47
N PHE B 484 -29.19 -23.69 -21.90
CA PHE B 484 -29.37 -24.19 -20.54
C PHE B 484 -28.58 -25.46 -20.29
N GLU B 485 -28.63 -26.40 -21.22
CA GLU B 485 -27.89 -27.63 -21.03
C GLU B 485 -26.41 -27.37 -21.22
N PHE B 486 -26.07 -26.44 -22.12
CA PHE B 486 -24.67 -26.12 -22.39
C PHE B 486 -24.06 -25.58 -21.11
N TYR B 487 -24.74 -24.60 -20.53
CA TYR B 487 -24.30 -24.01 -19.28
C TYR B 487 -24.17 -25.08 -18.22
N LYS B 488 -25.17 -25.94 -18.10
CA LYS B 488 -25.15 -26.98 -17.10
C LYS B 488 -23.90 -27.83 -17.17
N GLU B 489 -23.61 -28.36 -18.36
CA GLU B 489 -22.44 -29.22 -18.57
C GLU B 489 -21.16 -28.52 -18.19
N LEU B 490 -21.03 -27.28 -18.65
CA LEU B 490 -19.86 -26.50 -18.34
C LEU B 490 -19.75 -26.34 -16.84
N ILE B 491 -20.84 -25.92 -16.20
CA ILE B 491 -20.79 -25.73 -14.76
C ILE B 491 -20.38 -27.02 -14.09
N ARG B 492 -20.93 -28.13 -14.56
CA ARG B 492 -20.57 -29.44 -14.03
C ARG B 492 -19.08 -29.76 -14.14
N LEU B 493 -18.44 -29.38 -15.23
CA LEU B 493 -17.02 -29.67 -15.40
C LEU B 493 -16.21 -28.86 -14.43
N ARG B 494 -16.65 -27.63 -14.20
CA ARG B 494 -15.95 -26.72 -13.32
C ARG B 494 -15.92 -27.27 -11.92
N HIS B 495 -16.96 -27.99 -11.54
CA HIS B 495 -17.04 -28.56 -10.20
C HIS B 495 -16.18 -29.78 -9.99
N ARG B 496 -15.98 -30.59 -11.01
CA ARG B 496 -15.18 -31.77 -10.82
C ARG B 496 -13.74 -31.70 -11.32
N LEU B 497 -13.35 -30.55 -11.87
CA LEU B 497 -12.00 -30.39 -12.40
C LEU B 497 -11.31 -29.30 -11.60
N ALA B 498 -10.49 -29.69 -10.64
CA ALA B 498 -9.83 -28.73 -9.80
C ALA B 498 -9.05 -27.64 -10.52
N SER B 499 -8.32 -28.03 -11.55
CA SER B 499 -7.52 -27.07 -12.30
C SER B 499 -8.37 -25.86 -12.66
N LEU B 500 -9.65 -26.07 -12.93
CA LEU B 500 -10.50 -24.97 -13.30
C LEU B 500 -10.88 -24.01 -12.17
N THR B 501 -10.68 -24.40 -10.91
CA THR B 501 -11.04 -23.48 -9.83
C THR B 501 -9.91 -23.10 -8.88
N ARG B 502 -8.85 -23.92 -8.84
CA ARG B 502 -7.73 -23.67 -7.95
C ARG B 502 -6.40 -23.66 -8.69
N GLY B 503 -6.46 -23.94 -9.99
CA GLY B 503 -5.27 -23.98 -10.81
C GLY B 503 -4.77 -22.64 -11.24
N ASN B 504 -3.56 -22.60 -11.77
CA ASN B 504 -3.02 -21.33 -12.24
C ASN B 504 -3.42 -21.12 -13.69
N VAL B 505 -2.88 -20.06 -14.29
CA VAL B 505 -3.15 -19.75 -15.67
C VAL B 505 -1.86 -19.55 -16.40
N ARG B 506 -1.77 -20.15 -17.59
CA ARG B 506 -0.59 -20.00 -18.39
C ARG B 506 -1.00 -20.01 -19.85
N SER B 507 -0.55 -19.00 -20.59
CA SER B 507 -0.87 -18.91 -21.99
C SER B 507 -0.23 -20.11 -22.66
N TRP B 508 -0.99 -20.75 -23.54
CA TRP B 508 -0.57 -21.94 -24.24
C TRP B 508 -0.25 -21.58 -25.68
N HIS B 509 -1.13 -20.79 -26.27
CA HIS B 509 -0.92 -20.41 -27.64
C HIS B 509 -1.87 -19.31 -28.06
N ALA B 510 -1.33 -18.37 -28.84
CA ALA B 510 -2.10 -17.24 -29.32
C ALA B 510 -1.58 -16.79 -30.67
N ASP B 511 -2.38 -17.07 -31.70
CA ASP B 511 -2.02 -16.69 -33.08
C ASP B 511 -2.96 -15.58 -33.54
N LYS B 512 -2.40 -14.40 -33.79
CA LYS B 512 -3.19 -13.25 -34.24
C LYS B 512 -3.81 -13.44 -35.60
N GLN B 513 -3.22 -14.30 -36.41
CA GLN B 513 -3.72 -14.53 -37.75
C GLN B 513 -4.97 -15.40 -37.76
N ALA B 514 -4.92 -16.49 -36.99
CA ALA B 514 -6.03 -17.43 -36.90
C ALA B 514 -7.04 -17.02 -35.81
N ASN B 515 -6.67 -16.01 -35.02
CA ASN B 515 -7.51 -15.51 -33.93
C ASN B 515 -7.85 -16.67 -33.02
N LEU B 516 -6.89 -17.56 -32.87
CA LEU B 516 -7.04 -18.75 -32.07
C LEU B 516 -6.28 -18.59 -30.77
N TYR B 517 -6.94 -18.86 -29.66
CA TYR B 517 -6.33 -18.74 -28.34
C TYR B 517 -6.43 -20.00 -27.51
N ALA B 518 -5.37 -20.29 -26.76
CA ALA B 518 -5.33 -21.47 -25.92
C ALA B 518 -4.60 -21.18 -24.60
N PHE B 519 -5.06 -21.77 -23.51
CA PHE B 519 -4.40 -21.58 -22.23
C PHE B 519 -4.54 -22.87 -21.43
N VAL B 520 -3.64 -23.11 -20.48
CA VAL B 520 -3.69 -24.33 -19.66
C VAL B 520 -3.81 -23.98 -18.18
N ARG B 521 -4.65 -24.71 -17.46
CA ARG B 521 -4.84 -24.50 -16.02
C ARG B 521 -4.25 -25.71 -15.34
N THR B 522 -3.48 -25.49 -14.28
CA THR B 522 -2.87 -26.63 -13.62
C THR B 522 -2.94 -26.65 -12.12
N VAL B 523 -3.09 -27.84 -11.57
CA VAL B 523 -3.11 -28.04 -10.12
C VAL B 523 -2.48 -29.41 -9.88
N GLN B 524 -1.38 -29.44 -9.14
CA GLN B 524 -0.73 -30.72 -8.87
C GLN B 524 -0.50 -31.41 -10.23
N ASP B 525 -0.93 -32.65 -10.33
CA ASP B 525 -0.78 -33.43 -11.55
C ASP B 525 -1.88 -33.29 -12.61
N GLN B 526 -2.91 -32.50 -12.32
CA GLN B 526 -3.98 -32.32 -13.29
C GLN B 526 -3.79 -31.12 -14.20
N HIS B 527 -4.09 -31.28 -15.47
CA HIS B 527 -3.94 -30.20 -16.43
C HIS B 527 -5.16 -30.14 -17.29
N VAL B 528 -5.63 -28.95 -17.60
CA VAL B 528 -6.75 -28.84 -18.53
C VAL B 528 -6.44 -27.74 -19.52
N GLY B 529 -6.37 -28.10 -20.79
CA GLY B 529 -6.09 -27.11 -21.82
C GLY B 529 -7.38 -26.70 -22.50
N VAL B 530 -7.59 -25.40 -22.67
CA VAL B 530 -8.81 -24.91 -23.30
C VAL B 530 -8.49 -24.22 -24.63
N VAL B 531 -9.03 -24.77 -25.72
CA VAL B 531 -8.77 -24.23 -27.05
C VAL B 531 -9.96 -23.51 -27.64
N LEU B 532 -9.80 -22.24 -28.00
CA LEU B 532 -10.92 -21.50 -28.57
C LEU B 532 -10.68 -21.12 -30.02
N ASN B 533 -11.54 -21.58 -30.93
CA ASN B 533 -11.40 -21.25 -32.34
C ASN B 533 -12.27 -20.04 -32.68
N ASN B 534 -11.78 -18.83 -32.44
CA ASN B 534 -12.57 -17.63 -32.70
C ASN B 534 -12.51 -17.15 -34.15
N ARG B 535 -13.00 -17.99 -35.06
CA ARG B 535 -13.00 -17.67 -36.49
C ARG B 535 -14.13 -18.52 -37.08
N GLY B 536 -14.91 -17.96 -37.99
CA GLY B 536 -16.00 -18.72 -38.59
C GLY B 536 -15.56 -19.71 -39.64
N GLU B 537 -14.43 -20.38 -39.41
CA GLU B 537 -13.94 -21.32 -40.38
C GLU B 537 -13.14 -22.40 -39.70
N LYS B 538 -13.22 -23.62 -40.22
CA LYS B 538 -12.51 -24.72 -39.63
C LYS B 538 -11.01 -24.54 -39.82
N GLN B 539 -10.26 -24.59 -38.72
CA GLN B 539 -8.80 -24.46 -38.80
C GLN B 539 -8.12 -25.65 -38.13
N THR B 540 -6.83 -25.80 -38.38
CA THR B 540 -6.05 -26.90 -37.82
C THR B 540 -4.81 -26.35 -37.15
N VAL B 541 -4.80 -26.39 -35.83
CA VAL B 541 -3.68 -25.88 -35.08
C VAL B 541 -2.78 -27.01 -34.61
N LEU B 542 -1.50 -26.67 -34.38
CA LEU B 542 -0.48 -27.59 -33.89
C LEU B 542 0.02 -27.03 -32.57
N LEU B 543 -0.37 -27.65 -31.46
CA LEU B 543 0.04 -27.18 -30.14
C LEU B 543 1.20 -27.96 -29.51
N GLN B 544 1.93 -27.29 -28.64
CA GLN B 544 3.06 -27.86 -27.92
C GLN B 544 2.46 -28.70 -26.78
N VAL B 545 3.21 -29.65 -26.26
CA VAL B 545 2.69 -30.54 -25.24
C VAL B 545 3.31 -30.31 -23.86
N PRO B 546 2.52 -29.68 -22.98
CA PRO B 546 2.67 -29.26 -21.58
C PRO B 546 3.30 -30.24 -20.60
N GLU B 547 3.98 -29.68 -19.60
CA GLU B 547 4.62 -30.41 -18.48
C GLU B 547 3.94 -31.77 -18.23
N SER B 548 2.75 -31.90 -18.78
CA SER B 548 1.84 -33.05 -18.75
C SER B 548 2.36 -34.46 -18.71
N GLY B 549 3.64 -34.65 -18.39
CA GLY B 549 4.27 -35.97 -18.38
C GLY B 549 3.34 -37.16 -18.59
N GLY B 550 2.62 -37.04 -19.71
CA GLY B 550 1.63 -37.99 -20.19
C GLY B 550 1.11 -37.29 -21.44
N LYS B 551 0.80 -38.12 -22.45
CA LYS B 551 0.41 -37.65 -23.79
C LYS B 551 -0.96 -37.93 -24.39
N THR B 552 -1.94 -38.26 -23.58
CA THR B 552 -3.24 -38.51 -24.16
C THR B 552 -4.20 -37.54 -23.49
N TRP B 553 -4.95 -36.81 -24.32
CA TRP B 553 -5.89 -35.81 -23.84
C TRP B 553 -7.26 -36.09 -24.35
N LEU B 554 -8.25 -35.81 -23.51
CA LEU B 554 -9.65 -36.02 -23.86
C LEU B 554 -10.46 -34.74 -23.79
N ASP B 555 -11.29 -34.51 -24.80
CA ASP B 555 -12.13 -33.34 -24.80
C ASP B 555 -13.38 -33.62 -23.94
N CYS B 556 -13.48 -32.98 -22.78
CA CYS B 556 -14.64 -33.19 -21.93
C CYS B 556 -15.97 -32.83 -22.55
N LEU B 557 -15.93 -32.14 -23.69
CA LEU B 557 -17.15 -31.74 -24.38
C LEU B 557 -17.62 -32.65 -25.52
N THR B 558 -16.68 -33.22 -26.26
CA THR B 558 -16.98 -34.07 -27.40
C THR B 558 -16.44 -35.49 -27.33
N GLY B 559 -15.13 -35.65 -27.51
CA GLY B 559 -14.55 -36.98 -27.44
C GLY B 559 -13.03 -37.05 -27.37
N GLU B 560 -12.51 -38.25 -27.18
CA GLU B 560 -11.06 -38.45 -27.02
C GLU B 560 -10.18 -37.98 -28.18
N GLU B 561 -8.90 -37.76 -27.88
CA GLU B 561 -7.93 -37.27 -28.84
C GLU B 561 -6.48 -37.67 -28.54
N VAL B 562 -6.26 -38.99 -28.52
CA VAL B 562 -4.96 -39.63 -28.27
C VAL B 562 -3.94 -39.24 -29.32
N HIS B 563 -3.95 -37.96 -29.70
CA HIS B 563 -3.03 -37.45 -30.69
C HIS B 563 -1.68 -37.08 -30.09
N GLY B 564 -1.26 -37.75 -29.02
CA GLY B 564 0.02 -37.37 -28.47
C GLY B 564 1.14 -37.92 -29.33
N LYS B 565 1.77 -37.05 -30.11
CA LYS B 565 2.88 -37.46 -30.98
C LYS B 565 4.00 -36.44 -31.04
N GLN B 566 5.21 -36.91 -30.70
CA GLN B 566 6.42 -36.10 -30.71
C GLN B 566 6.27 -34.73 -30.09
N GLY B 567 5.48 -34.63 -29.03
CA GLY B 567 5.33 -33.34 -28.36
C GLY B 567 4.44 -32.40 -29.15
N GLN B 568 3.64 -32.96 -30.04
CA GLN B 568 2.74 -32.17 -30.86
C GLN B 568 1.31 -32.62 -30.61
N LEU B 569 0.36 -31.72 -30.81
CA LEU B 569 -1.03 -32.06 -30.65
C LEU B 569 -1.72 -31.50 -31.86
N LYS B 570 -2.29 -32.36 -32.69
CA LYS B 570 -2.96 -31.88 -33.90
C LYS B 570 -4.45 -31.80 -33.66
N LEU B 571 -4.98 -30.58 -33.74
CA LEU B 571 -6.40 -30.40 -33.52
C LEU B 571 -7.10 -29.74 -34.68
N THR B 572 -8.27 -30.25 -35.05
CA THR B 572 -9.03 -29.65 -36.14
C THR B 572 -10.32 -29.09 -35.52
N LEU B 573 -10.52 -27.79 -35.68
CA LEU B 573 -11.69 -27.17 -35.08
C LEU B 573 -12.67 -26.54 -36.04
N ARG B 574 -13.95 -26.75 -35.75
CA ARG B 574 -15.02 -26.20 -36.55
C ARG B 574 -15.19 -24.73 -36.16
N PRO B 575 -15.86 -23.96 -37.01
CA PRO B 575 -16.06 -22.54 -36.70
C PRO B 575 -16.64 -22.28 -35.30
N TYR B 576 -15.99 -21.38 -34.56
CA TYR B 576 -16.42 -21.00 -33.21
C TYR B 576 -16.55 -22.18 -32.24
N GLN B 577 -15.72 -23.21 -32.45
CA GLN B 577 -15.72 -24.39 -31.61
C GLN B 577 -14.77 -24.26 -30.41
N GLY B 578 -15.17 -24.86 -29.28
CA GLY B 578 -14.34 -24.80 -28.09
C GLY B 578 -13.92 -26.19 -27.64
N MET B 579 -12.75 -26.30 -27.03
CA MET B 579 -12.26 -27.58 -26.52
C MET B 579 -11.78 -27.50 -25.08
N ILE B 580 -12.21 -28.45 -24.26
CA ILE B 580 -11.79 -28.53 -22.88
C ILE B 580 -11.05 -29.85 -22.77
N LEU B 581 -9.72 -29.79 -22.97
CA LEU B 581 -8.86 -30.96 -22.94
C LEU B 581 -8.28 -31.26 -21.57
N TRP B 582 -8.73 -32.36 -20.99
CA TRP B 582 -8.27 -32.80 -19.68
C TRP B 582 -7.31 -33.93 -19.92
N ASN B 583 -6.22 -33.96 -19.15
CA ASN B 583 -5.22 -35.01 -19.26
C ASN B 583 -5.59 -36.33 -18.56
N GLY B 584 -6.82 -36.43 -18.09
CA GLY B 584 -7.25 -37.65 -17.42
C GLY B 584 -6.76 -37.81 -15.99
N ARG B 585 -5.99 -36.86 -15.49
CA ARG B 585 -5.46 -36.92 -14.11
C ARG B 585 -6.19 -36.02 -13.10
#